data_2HDA
# 
_entry.id   2HDA 
# 
_audit_conform.dict_name       mmcif_pdbx.dic 
_audit_conform.dict_version    5.377 
_audit_conform.dict_location   http://mmcif.pdb.org/dictionaries/ascii/mmcif_pdbx.dic 
# 
loop_
_database_2.database_id 
_database_2.database_code 
_database_2.pdbx_database_accession 
_database_2.pdbx_DOI 
PDB   2HDA         pdb_00002hda 10.2210/pdb2hda/pdb 
RCSB  RCSB038221   ?            ?                   
WWPDB D_1000038221 ?            ?                   
# 
_pdbx_database_status.status_code                     REL 
_pdbx_database_status.entry_id                        2HDA 
_pdbx_database_status.recvd_initial_deposition_date   2006-06-20 
_pdbx_database_status.deposit_site                    RCSB 
_pdbx_database_status.process_site                    RCSB 
_pdbx_database_status.status_code_sf                  REL 
_pdbx_database_status.status_code_mr                  ? 
_pdbx_database_status.SG_entry                        ? 
_pdbx_database_status.status_code_cs                  ? 
_pdbx_database_status.methods_development_category    ? 
_pdbx_database_status.pdb_format_compatible           Y 
_pdbx_database_status.status_code_nmr_data            ? 
# 
loop_
_audit_author.name 
_audit_author.pdbx_ordinal 
'Camara-Artigas, A.'  1 
'Luque, I.'           2 
'Ruiz-Sanz, J.'       3 
'Mateo, P.L.'         4 
'Martin-Garcia, J.M.' 5 
# 
_citation.id                        primary 
_citation.title                     
'Crystallographic structure of the SH3 domain of the human c-Yes tyrosine kinase: Loop flexibility and amyloid aggregation.' 
_citation.journal_abbrev            'Febs Lett.' 
_citation.journal_volume            581 
_citation.page_first                1701 
_citation.page_last                 1706 
_citation.year                      2007 
_citation.journal_id_ASTM           FEBLAL 
_citation.country                   NE 
_citation.journal_id_ISSN           0014-5793 
_citation.journal_id_CSD            0165 
_citation.book_publisher            ? 
_citation.pdbx_database_id_PubMed   17418139 
_citation.pdbx_database_id_DOI      10.1016/j.febslet.2007.03.059 
# 
loop_
_citation_author.citation_id 
_citation_author.name 
_citation_author.ordinal 
_citation_author.identifier_ORCID 
primary 'Martin-Garcia, J.M.' 1 ? 
primary 'Luque, I.'           2 ? 
primary 'Mateo, P.L.'         3 ? 
primary 'Ruiz-Sanz, J.'       4 ? 
primary 'Camara-Artigas, A.'  5 ? 
# 
_cell.entry_id           2HDA 
_cell.length_a           46.009 
_cell.length_b           46.009 
_cell.length_c           90.431 
_cell.angle_alpha        90.00 
_cell.angle_beta         90.00 
_cell.angle_gamma        120.00 
_cell.Z_PDB              12 
_cell.pdbx_unique_axis   ? 
_cell.length_a_esd       ? 
_cell.length_b_esd       ? 
_cell.length_c_esd       ? 
_cell.angle_alpha_esd    ? 
_cell.angle_beta_esd     ? 
_cell.angle_gamma_esd    ? 
# 
_symmetry.entry_id                         2HDA 
_symmetry.space_group_name_H-M             'P 63 2 2' 
_symmetry.pdbx_full_space_group_name_H-M   ? 
_symmetry.cell_setting                     ? 
_symmetry.Int_Tables_number                182 
_symmetry.space_group_name_Hall            ? 
# 
loop_
_entity.id 
_entity.type 
_entity.src_method 
_entity.pdbx_description 
_entity.formula_weight 
_entity.pdbx_number_of_molecules 
_entity.pdbx_ec 
_entity.pdbx_mutation 
_entity.pdbx_fragment 
_entity.details 
1 polymer     man 'Proto-oncogene tyrosine-protein kinase Yes' 7128.813 1  2.7.10.2 ? 'SH3 domain' ? 
2 non-polymer syn 'SULFATE ION'                                96.063   1  ?        ? ?            ? 
3 water       nat water                                        18.015   41 ?        ? ?            ? 
# 
_entity_name_com.entity_id   1 
_entity_name_com.name        'p61-Yes, c-Yes' 
# 
_entity_poly.entity_id                      1 
_entity_poly.type                           'polypeptide(L)' 
_entity_poly.nstd_linkage                   no 
_entity_poly.nstd_monomer                   no 
_entity_poly.pdbx_seq_one_letter_code       MGGGVTIFVALYDYEARTTEDLSFKKGERFQIINNTEGDWWEARSIATGKNGYIPSNYVAPADS 
_entity_poly.pdbx_seq_one_letter_code_can   MGGGVTIFVALYDYEARTTEDLSFKKGERFQIINNTEGDWWEARSIATGKNGYIPSNYVAPADS 
_entity_poly.pdbx_strand_id                 A 
_entity_poly.pdbx_target_identifier         ? 
# 
loop_
_entity_poly_seq.entity_id 
_entity_poly_seq.num 
_entity_poly_seq.mon_id 
_entity_poly_seq.hetero 
1 1  MET n 
1 2  GLY n 
1 3  GLY n 
1 4  GLY n 
1 5  VAL n 
1 6  THR n 
1 7  ILE n 
1 8  PHE n 
1 9  VAL n 
1 10 ALA n 
1 11 LEU n 
1 12 TYR n 
1 13 ASP n 
1 14 TYR n 
1 15 GLU n 
1 16 ALA n 
1 17 ARG n 
1 18 THR n 
1 19 THR n 
1 20 GLU n 
1 21 ASP n 
1 22 LEU n 
1 23 SER n 
1 24 PHE n 
1 25 LYS n 
1 26 LYS n 
1 27 GLY n 
1 28 GLU n 
1 29 ARG n 
1 30 PHE n 
1 31 GLN n 
1 32 ILE n 
1 33 ILE n 
1 34 ASN n 
1 35 ASN n 
1 36 THR n 
1 37 GLU n 
1 38 GLY n 
1 39 ASP n 
1 40 TRP n 
1 41 TRP n 
1 42 GLU n 
1 43 ALA n 
1 44 ARG n 
1 45 SER n 
1 46 ILE n 
1 47 ALA n 
1 48 THR n 
1 49 GLY n 
1 50 LYS n 
1 51 ASN n 
1 52 GLY n 
1 53 TYR n 
1 54 ILE n 
1 55 PRO n 
1 56 SER n 
1 57 ASN n 
1 58 TYR n 
1 59 VAL n 
1 60 ALA n 
1 61 PRO n 
1 62 ALA n 
1 63 ASP n 
1 64 SER n 
# 
_entity_src_gen.entity_id                          1 
_entity_src_gen.pdbx_src_id                        1 
_entity_src_gen.pdbx_alt_source_flag               sample 
_entity_src_gen.pdbx_seq_type                      ? 
_entity_src_gen.pdbx_beg_seq_num                   ? 
_entity_src_gen.pdbx_end_seq_num                   ? 
_entity_src_gen.gene_src_common_name               human 
_entity_src_gen.gene_src_genus                     Homo 
_entity_src_gen.pdbx_gene_src_gene                 'YES1, YES' 
_entity_src_gen.gene_src_species                   ? 
_entity_src_gen.gene_src_strain                    ? 
_entity_src_gen.gene_src_tissue                    ? 
_entity_src_gen.gene_src_tissue_fraction           ? 
_entity_src_gen.gene_src_details                   ? 
_entity_src_gen.pdbx_gene_src_fragment             ? 
_entity_src_gen.pdbx_gene_src_scientific_name      'Homo sapiens' 
_entity_src_gen.pdbx_gene_src_ncbi_taxonomy_id     9606 
_entity_src_gen.pdbx_gene_src_variant              ? 
_entity_src_gen.pdbx_gene_src_cell_line            ? 
_entity_src_gen.pdbx_gene_src_atcc                 ? 
_entity_src_gen.pdbx_gene_src_organ                ? 
_entity_src_gen.pdbx_gene_src_organelle            ? 
_entity_src_gen.pdbx_gene_src_cell                 ? 
_entity_src_gen.pdbx_gene_src_cellular_location    ? 
_entity_src_gen.host_org_common_name               ? 
_entity_src_gen.pdbx_host_org_scientific_name      'Escherichia coli' 
_entity_src_gen.pdbx_host_org_ncbi_taxonomy_id     562 
_entity_src_gen.host_org_genus                     Escherichia 
_entity_src_gen.pdbx_host_org_gene                 ? 
_entity_src_gen.pdbx_host_org_organ                ? 
_entity_src_gen.host_org_species                   ? 
_entity_src_gen.pdbx_host_org_tissue               ? 
_entity_src_gen.pdbx_host_org_tissue_fraction      ? 
_entity_src_gen.pdbx_host_org_strain               ? 
_entity_src_gen.pdbx_host_org_variant              ? 
_entity_src_gen.pdbx_host_org_cell_line            ? 
_entity_src_gen.pdbx_host_org_atcc                 ? 
_entity_src_gen.pdbx_host_org_culture_collection   ? 
_entity_src_gen.pdbx_host_org_cell                 ? 
_entity_src_gen.pdbx_host_org_organelle            ? 
_entity_src_gen.pdbx_host_org_cellular_location    ? 
_entity_src_gen.pdbx_host_org_vector_type          ? 
_entity_src_gen.pdbx_host_org_vector               ? 
_entity_src_gen.host_org_details                   ? 
_entity_src_gen.expression_system_id               ? 
_entity_src_gen.plasmid_name                       ? 
_entity_src_gen.plasmid_details                    ? 
_entity_src_gen.pdbx_description                   ? 
# 
_struct_ref.id                         1 
_struct_ref.db_name                    UNP 
_struct_ref.db_code                    YES_HUMAN 
_struct_ref.pdbx_db_accession          P07947 
_struct_ref.entity_id                  1 
_struct_ref.pdbx_seq_one_letter_code   GGVTIFVALYDYEARTTEDLSFKKGERFQIINNTEGDWWEARSIATGKNGYIPSNYVAPADS 
_struct_ref.pdbx_align_begin           90 
_struct_ref.pdbx_db_isoform            ? 
# 
_struct_ref_seq.align_id                      1 
_struct_ref_seq.ref_id                        1 
_struct_ref_seq.pdbx_PDB_id_code              2HDA 
_struct_ref_seq.pdbx_strand_id                A 
_struct_ref_seq.seq_align_beg                 3 
_struct_ref_seq.pdbx_seq_align_beg_ins_code   ? 
_struct_ref_seq.seq_align_end                 64 
_struct_ref_seq.pdbx_seq_align_end_ins_code   ? 
_struct_ref_seq.pdbx_db_accession             P07947 
_struct_ref_seq.db_align_beg                  90 
_struct_ref_seq.pdbx_db_align_beg_ins_code    ? 
_struct_ref_seq.db_align_end                  151 
_struct_ref_seq.pdbx_db_align_end_ins_code    ? 
_struct_ref_seq.pdbx_auth_seq_align_beg       91 
_struct_ref_seq.pdbx_auth_seq_align_end       152 
# 
loop_
_struct_ref_seq_dif.align_id 
_struct_ref_seq_dif.pdbx_pdb_id_code 
_struct_ref_seq_dif.mon_id 
_struct_ref_seq_dif.pdbx_pdb_strand_id 
_struct_ref_seq_dif.seq_num 
_struct_ref_seq_dif.pdbx_pdb_ins_code 
_struct_ref_seq_dif.pdbx_seq_db_name 
_struct_ref_seq_dif.pdbx_seq_db_accession_code 
_struct_ref_seq_dif.db_mon_id 
_struct_ref_seq_dif.pdbx_seq_db_seq_num 
_struct_ref_seq_dif.details 
_struct_ref_seq_dif.pdbx_auth_seq_num 
_struct_ref_seq_dif.pdbx_ordinal 
1 2HDA MET A 1 ? UNP P07947 ? ? 'cloning artifact' 89 1 
1 2HDA GLY A 2 ? UNP P07947 ? ? 'cloning artifact' 90 2 
# 
loop_
_chem_comp.id 
_chem_comp.type 
_chem_comp.mon_nstd_flag 
_chem_comp.name 
_chem_comp.pdbx_synonyms 
_chem_comp.formula 
_chem_comp.formula_weight 
ALA 'L-peptide linking' y ALANINE         ? 'C3 H7 N O2'     89.093  
ARG 'L-peptide linking' y ARGININE        ? 'C6 H15 N4 O2 1' 175.209 
ASN 'L-peptide linking' y ASPARAGINE      ? 'C4 H8 N2 O3'    132.118 
ASP 'L-peptide linking' y 'ASPARTIC ACID' ? 'C4 H7 N O4'     133.103 
GLN 'L-peptide linking' y GLUTAMINE       ? 'C5 H10 N2 O3'   146.144 
GLU 'L-peptide linking' y 'GLUTAMIC ACID' ? 'C5 H9 N O4'     147.129 
GLY 'peptide linking'   y GLYCINE         ? 'C2 H5 N O2'     75.067  
HOH non-polymer         . WATER           ? 'H2 O'           18.015  
ILE 'L-peptide linking' y ISOLEUCINE      ? 'C6 H13 N O2'    131.173 
LEU 'L-peptide linking' y LEUCINE         ? 'C6 H13 N O2'    131.173 
LYS 'L-peptide linking' y LYSINE          ? 'C6 H15 N2 O2 1' 147.195 
MET 'L-peptide linking' y METHIONINE      ? 'C5 H11 N O2 S'  149.211 
PHE 'L-peptide linking' y PHENYLALANINE   ? 'C9 H11 N O2'    165.189 
PRO 'L-peptide linking' y PROLINE         ? 'C5 H9 N O2'     115.130 
SER 'L-peptide linking' y SERINE          ? 'C3 H7 N O3'     105.093 
SO4 non-polymer         . 'SULFATE ION'   ? 'O4 S -2'        96.063  
THR 'L-peptide linking' y THREONINE       ? 'C4 H9 N O3'     119.119 
TRP 'L-peptide linking' y TRYPTOPHAN      ? 'C11 H12 N2 O2'  204.225 
TYR 'L-peptide linking' y TYROSINE        ? 'C9 H11 N O3'    181.189 
VAL 'L-peptide linking' y VALINE          ? 'C5 H11 N O2'    117.146 
# 
_exptl.entry_id          2HDA 
_exptl.method            'X-RAY DIFFRACTION' 
_exptl.crystals_number   1 
# 
_exptl_crystal.id                    1 
_exptl_crystal.density_meas          ? 
_exptl_crystal.density_Matthews      1.99 
_exptl_crystal.density_percent_sol   38.19 
_exptl_crystal.description           ? 
_exptl_crystal.F_000                 ? 
_exptl_crystal.preparation           ? 
# 
_exptl_crystal_grow.crystal_id      1 
_exptl_crystal_grow.method          'VAPOR DIFFUSION, HANGING DROP' 
_exptl_crystal_grow.temp            288 
_exptl_crystal_grow.temp_details    ? 
_exptl_crystal_grow.pH              9.0 
_exptl_crystal_grow.pdbx_details    
'1.6 M ammonium sulphate, 0.1 M bicine, pH 9.0, VAPOR DIFFUSION, HANGING DROP, temperature 15K, temperature 288K' 
_exptl_crystal_grow.pdbx_pH_range   . 
# 
_diffrn.id                     1 
_diffrn.ambient_temp           100 
_diffrn.ambient_temp_details   ? 
_diffrn.crystal_id             1 
# 
_diffrn_detector.diffrn_id              1 
_diffrn_detector.detector               CCD 
_diffrn_detector.type                   'BRUKER SMART 6500' 
_diffrn_detector.pdbx_collection_date   2006-01-30 
_diffrn_detector.details                'Montel optics' 
# 
_diffrn_radiation.diffrn_id                        1 
_diffrn_radiation.wavelength_id                    1 
_diffrn_radiation.pdbx_monochromatic_or_laue_m_l   M 
_diffrn_radiation.monochromator                    'Bruker Microfocus (Montel Optics) Microstar' 
_diffrn_radiation.pdbx_diffrn_protocol             'SINGLE WAVELENGTH' 
_diffrn_radiation.pdbx_scattering_type             x-ray 
# 
_diffrn_radiation_wavelength.id           1 
_diffrn_radiation_wavelength.wavelength   1.54 
_diffrn_radiation_wavelength.wt           1.0 
# 
_diffrn_source.diffrn_id                   1 
_diffrn_source.source                      'ROTATING ANODE' 
_diffrn_source.type                        'BRUKER AXS MICROSTAR' 
_diffrn_source.pdbx_synchrotron_site       ? 
_diffrn_source.pdbx_synchrotron_beamline   ? 
_diffrn_source.pdbx_wavelength             ? 
_diffrn_source.pdbx_wavelength_list        1.54 
# 
_reflns.entry_id                     2HDA 
_reflns.observed_criterion_sigma_F   0 
_reflns.observed_criterion_sigma_I   0 
_reflns.d_resolution_high            1.81 
_reflns.d_resolution_low             50 
_reflns.number_all                   ? 
_reflns.number_obs                   5626 
_reflns.percent_possible_obs         99.3 
_reflns.pdbx_Rmerge_I_obs            0.0469 
_reflns.pdbx_Rsym_value              0.025 
_reflns.pdbx_netI_over_sigmaI        28.37 
_reflns.B_iso_Wilson_estimate        20.3 
_reflns.pdbx_redundancy              10.08 
_reflns.R_free_details               ? 
_reflns.limit_h_max                  ? 
_reflns.limit_h_min                  ? 
_reflns.limit_k_max                  ? 
_reflns.limit_k_min                  ? 
_reflns.limit_l_max                  ? 
_reflns.limit_l_min                  ? 
_reflns.observed_criterion_F_max     ? 
_reflns.observed_criterion_F_min     ? 
_reflns.pdbx_chi_squared             ? 
_reflns.pdbx_scaling_rejects         ? 
_reflns.pdbx_ordinal                 1 
_reflns.pdbx_diffrn_id               1 
# 
_reflns_shell.d_res_high             1.81 
_reflns_shell.d_res_low              1.95 
_reflns_shell.percent_possible_all   97.5 
_reflns_shell.Rmerge_I_obs           0.238 
_reflns_shell.pdbx_Rsym_value        0.1825 
_reflns_shell.meanI_over_sigI_obs    5.19 
_reflns_shell.pdbx_redundancy        4.19 
_reflns_shell.percent_possible_obs   ? 
_reflns_shell.number_unique_all      1058 
_reflns_shell.number_measured_all    ? 
_reflns_shell.number_measured_obs    ? 
_reflns_shell.number_unique_obs      ? 
_reflns_shell.pdbx_chi_squared       ? 
_reflns_shell.pdbx_ordinal           1 
_reflns_shell.pdbx_diffrn_id         1 
# 
_refine.entry_id                                 2HDA 
_refine.ls_number_reflns_obs                     4655 
_refine.ls_number_reflns_all                     4663 
_refine.pdbx_ls_sigma_I                          0 
_refine.pdbx_ls_sigma_F                          0 
_refine.pdbx_data_cutoff_high_absF               ? 
_refine.pdbx_data_cutoff_low_absF                ? 
_refine.pdbx_data_cutoff_high_rms_absF           ? 
_refine.ls_d_res_low                             14.86 
_refine.ls_d_res_high                            1.90 
_refine.ls_percent_reflns_obs                    99.82 
_refine.ls_R_factor_obs                          0.21619 
_refine.ls_R_factor_all                          0.22 
_refine.ls_R_factor_R_work                       0.21391 
_refine.ls_R_factor_R_free                       0.26969 
_refine.ls_R_factor_R_free_error                 ? 
_refine.ls_R_factor_R_free_error_details         ? 
_refine.ls_percent_reflns_R_free                 4.5 
_refine.ls_number_reflns_R_free                  218 
_refine.ls_number_parameters                     ? 
_refine.ls_number_restraints                     ? 
_refine.occupancy_min                            ? 
_refine.occupancy_max                            ? 
_refine.correlation_coeff_Fo_to_Fc               0.935 
_refine.correlation_coeff_Fo_to_Fc_free          0.891 
_refine.B_iso_mean                               20.790 
_refine.aniso_B[1][1]                            -0.03 
_refine.aniso_B[2][2]                            -0.03 
_refine.aniso_B[3][3]                            0.04 
_refine.aniso_B[1][2]                            -0.01 
_refine.aniso_B[1][3]                            0.00 
_refine.aniso_B[2][3]                            0.00 
_refine.solvent_model_details                    MASK 
_refine.solvent_model_param_ksol                 ? 
_refine.solvent_model_param_bsol                 ? 
_refine.pdbx_solvent_vdw_probe_radii             1.40 
_refine.pdbx_solvent_ion_probe_radii             0.80 
_refine.pdbx_solvent_shrinkage_radii             0.80 
_refine.pdbx_ls_cross_valid_method               THROUGHOUT 
_refine.details                                  'HYDROGENS HAVE BEEN ADDED IN THE RIDING POSITIONS' 
_refine.pdbx_starting_model                      1FYN 
_refine.pdbx_method_to_determine_struct          'MOLECULAR REPLACEMENT' 
_refine.pdbx_isotropic_thermal_model             ? 
_refine.pdbx_stereochemistry_target_values       'MAXIMUM LIKELIHOOD' 
_refine.pdbx_stereochem_target_val_spec_case     ? 
_refine.pdbx_R_Free_selection_details            RANDOM 
_refine.pdbx_overall_ESU_R                       0.186 
_refine.pdbx_overall_ESU_R_Free                  0.174 
_refine.overall_SU_ML                            0.076 
_refine.overall_SU_B                             2.452 
_refine.ls_redundancy_reflns_obs                 ? 
_refine.B_iso_min                                ? 
_refine.B_iso_max                                ? 
_refine.overall_SU_R_Cruickshank_DPI             ? 
_refine.overall_SU_R_free                        ? 
_refine.ls_wR_factor_R_free                      ? 
_refine.ls_wR_factor_R_work                      ? 
_refine.overall_FOM_free_R_set                   ? 
_refine.overall_FOM_work_R_set                   ? 
_refine.pdbx_refine_id                           'X-RAY DIFFRACTION' 
_refine.pdbx_diffrn_id                           1 
_refine.pdbx_overall_phase_error                 ? 
_refine.pdbx_TLS_residual_ADP_flag               ? 
_refine.pdbx_overall_SU_R_free_Cruickshank_DPI   ? 
_refine.pdbx_overall_SU_R_Blow_DPI               ? 
_refine.pdbx_overall_SU_R_free_Blow_DPI          ? 
# 
_refine_hist.pdbx_refine_id                   'X-RAY DIFFRACTION' 
_refine_hist.cycle_id                         LAST 
_refine_hist.pdbx_number_atoms_protein        473 
_refine_hist.pdbx_number_atoms_nucleic_acid   0 
_refine_hist.pdbx_number_atoms_ligand         5 
_refine_hist.number_atoms_solvent             41 
_refine_hist.number_atoms_total               519 
_refine_hist.d_res_high                       1.90 
_refine_hist.d_res_low                        14.86 
# 
loop_
_refine_ls_restr.type 
_refine_ls_restr.dev_ideal 
_refine_ls_restr.dev_ideal_target 
_refine_ls_restr.weight 
_refine_ls_restr.number 
_refine_ls_restr.pdbx_refine_id 
_refine_ls_restr.pdbx_restraint_function 
r_bond_refined_d         0.011  0.022  ? 485 'X-RAY DIFFRACTION' ? 
r_angle_refined_deg      2.065  1.928  ? 660 'X-RAY DIFFRACTION' ? 
r_dihedral_angle_1_deg   10.733 5.000  ? 58  'X-RAY DIFFRACTION' ? 
r_dihedral_angle_2_deg   37.104 23.750 ? 24  'X-RAY DIFFRACTION' ? 
r_dihedral_angle_3_deg   15.826 15.000 ? 72  'X-RAY DIFFRACTION' ? 
r_dihedral_angle_4_deg   10.228 15.000 ? 3   'X-RAY DIFFRACTION' ? 
r_chiral_restr           0.148  0.200  ? 69  'X-RAY DIFFRACTION' ? 
r_gen_planes_refined     0.013  0.020  ? 376 'X-RAY DIFFRACTION' ? 
r_nbd_refined            0.228  0.200  ? 183 'X-RAY DIFFRACTION' ? 
r_nbtor_refined          0.321  0.200  ? 329 'X-RAY DIFFRACTION' ? 
r_xyhbond_nbd_refined    0.251  0.200  ? 33  'X-RAY DIFFRACTION' ? 
r_symmetry_vdw_refined   0.245  0.200  ? 35  'X-RAY DIFFRACTION' ? 
r_symmetry_hbond_refined 0.248  0.200  ? 8   'X-RAY DIFFRACTION' ? 
r_mcbond_it              2.971  2.000  ? 293 'X-RAY DIFFRACTION' ? 
r_mcangle_it             4.169  3.000  ? 466 'X-RAY DIFFRACTION' ? 
r_scbond_it              3.836  2.000  ? 223 'X-RAY DIFFRACTION' ? 
r_scangle_it             5.235  3.000  ? 194 'X-RAY DIFFRACTION' ? 
# 
_refine_ls_shell.pdbx_total_number_of_bins_used   20 
_refine_ls_shell.d_res_high                       1.900 
_refine_ls_shell.d_res_low                        1.949 
_refine_ls_shell.number_reflns_R_work             325 
_refine_ls_shell.R_factor_R_work                  0.203 
_refine_ls_shell.percent_reflns_obs               100.00 
_refine_ls_shell.R_factor_R_free                  0.315 
_refine_ls_shell.R_factor_R_free_error            ? 
_refine_ls_shell.percent_reflns_R_free            ? 
_refine_ls_shell.number_reflns_R_free             17 
_refine_ls_shell.number_reflns_all                ? 
_refine_ls_shell.R_factor_all                     ? 
_refine_ls_shell.number_reflns_obs                ? 
_refine_ls_shell.redundancy_reflns_obs            ? 
_refine_ls_shell.pdbx_refine_id                   'X-RAY DIFFRACTION' 
# 
_struct.entry_id                  2HDA 
_struct.title                     'Yes SH3 domain' 
_struct.pdbx_model_details        ? 
_struct.pdbx_CASP_flag            ? 
_struct.pdbx_model_type_details   ? 
# 
_struct_keywords.entry_id        2HDA 
_struct_keywords.pdbx_keywords   TRANSFERASE 
_struct_keywords.text            'main beta, TRANSFERASE' 
# 
loop_
_struct_asym.id 
_struct_asym.pdbx_blank_PDB_chainid_flag 
_struct_asym.pdbx_modified 
_struct_asym.entity_id 
_struct_asym.details 
A N N 1 ? 
B N N 2 ? 
C N N 3 ? 
# 
_struct_biol.id        1 
_struct_biol.details   ? 
# 
_struct_sheet.id               A 
_struct_sheet.type             ? 
_struct_sheet.number_strands   5 
_struct_sheet.details          ? 
# 
loop_
_struct_sheet_order.sheet_id 
_struct_sheet_order.range_id_1 
_struct_sheet_order.range_id_2 
_struct_sheet_order.offset 
_struct_sheet_order.sense 
A 1 2 ? anti-parallel 
A 2 3 ? anti-parallel 
A 3 4 ? anti-parallel 
A 4 5 ? anti-parallel 
# 
loop_
_struct_sheet_range.sheet_id 
_struct_sheet_range.id 
_struct_sheet_range.beg_label_comp_id 
_struct_sheet_range.beg_label_asym_id 
_struct_sheet_range.beg_label_seq_id 
_struct_sheet_range.pdbx_beg_PDB_ins_code 
_struct_sheet_range.end_label_comp_id 
_struct_sheet_range.end_label_asym_id 
_struct_sheet_range.end_label_seq_id 
_struct_sheet_range.pdbx_end_PDB_ins_code 
_struct_sheet_range.beg_auth_comp_id 
_struct_sheet_range.beg_auth_asym_id 
_struct_sheet_range.beg_auth_seq_id 
_struct_sheet_range.end_auth_comp_id 
_struct_sheet_range.end_auth_asym_id 
_struct_sheet_range.end_auth_seq_id 
A 1 ASN A 51 ? PRO A 55 ? ASN A 139 PRO A 143 
A 2 TRP A 40 ? SER A 45 ? TRP A 128 SER A 133 
A 3 ARG A 29 ? ILE A 33 ? ARG A 117 ILE A 121 
A 4 VAL A 5  ? ALA A 10 ? VAL A 93  ALA A 98  
A 5 VAL A 59 ? PRO A 61 ? VAL A 147 PRO A 149 
# 
loop_
_pdbx_struct_sheet_hbond.sheet_id 
_pdbx_struct_sheet_hbond.range_id_1 
_pdbx_struct_sheet_hbond.range_id_2 
_pdbx_struct_sheet_hbond.range_1_label_atom_id 
_pdbx_struct_sheet_hbond.range_1_label_comp_id 
_pdbx_struct_sheet_hbond.range_1_label_asym_id 
_pdbx_struct_sheet_hbond.range_1_label_seq_id 
_pdbx_struct_sheet_hbond.range_1_PDB_ins_code 
_pdbx_struct_sheet_hbond.range_1_auth_atom_id 
_pdbx_struct_sheet_hbond.range_1_auth_comp_id 
_pdbx_struct_sheet_hbond.range_1_auth_asym_id 
_pdbx_struct_sheet_hbond.range_1_auth_seq_id 
_pdbx_struct_sheet_hbond.range_2_label_atom_id 
_pdbx_struct_sheet_hbond.range_2_label_comp_id 
_pdbx_struct_sheet_hbond.range_2_label_asym_id 
_pdbx_struct_sheet_hbond.range_2_label_seq_id 
_pdbx_struct_sheet_hbond.range_2_PDB_ins_code 
_pdbx_struct_sheet_hbond.range_2_auth_atom_id 
_pdbx_struct_sheet_hbond.range_2_auth_comp_id 
_pdbx_struct_sheet_hbond.range_2_auth_asym_id 
_pdbx_struct_sheet_hbond.range_2_auth_seq_id 
A 1 2 O GLY A 52 ? O GLY A 140 N ALA A 43 ? N ALA A 131 
A 2 3 O ARG A 44 ? O ARG A 132 N GLN A 31 ? N GLN A 119 
A 3 4 O ILE A 32 ? O ILE A 120 N THR A 6  ? N THR A 94  
A 4 5 N VAL A 9  ? N VAL A 97  O ALA A 60 ? O ALA A 148 
# 
_struct_site.id                   AC1 
_struct_site.pdbx_evidence_code   Software 
_struct_site.pdbx_auth_asym_id    A 
_struct_site.pdbx_auth_comp_id    SO4 
_struct_site.pdbx_auth_seq_id     51 
_struct_site.pdbx_auth_ins_code   ? 
_struct_site.pdbx_num_residues    3 
_struct_site.details              'BINDING SITE FOR RESIDUE SO4 A 51' 
# 
loop_
_struct_site_gen.id 
_struct_site_gen.site_id 
_struct_site_gen.pdbx_num_res 
_struct_site_gen.label_comp_id 
_struct_site_gen.label_asym_id 
_struct_site_gen.label_seq_id 
_struct_site_gen.pdbx_auth_ins_code 
_struct_site_gen.auth_comp_id 
_struct_site_gen.auth_asym_id 
_struct_site_gen.auth_seq_id 
_struct_site_gen.label_atom_id 
_struct_site_gen.label_alt_id 
_struct_site_gen.symmetry 
_struct_site_gen.details 
1 AC1 3 ARG A 17 ? ARG A 105 . ? 1_555 ? 
2 AC1 3 ARG A 17 ? ARG A 105 . ? 2_555 ? 
3 AC1 3 ARG A 17 ? ARG A 105 . ? 3_555 ? 
# 
_atom_sites.entry_id                    2HDA 
_atom_sites.fract_transf_matrix[1][1]   0.01329997 
_atom_sites.fract_transf_matrix[1][2]   0.00394004 
_atom_sites.fract_transf_matrix[1][3]   0.02091589 
_atom_sites.fract_transf_matrix[2][1]   0.01897745 
_atom_sites.fract_transf_matrix[2][2]   0.01642270 
_atom_sites.fract_transf_matrix[2][3]   -0.00010343 
_atom_sites.fract_transf_matrix[3][1]   -0.00697158 
_atom_sites.fract_transf_matrix[3][2]   0.00807443 
_atom_sites.fract_transf_matrix[3][3]   0.00291205 
_atom_sites.fract_transf_vector[1]      0.261353 
_atom_sites.fract_transf_vector[2]      0.345133 
_atom_sites.fract_transf_vector[3]      0.107780 
# 
loop_
_atom_type.symbol 
C 
N 
O 
S 
# 
loop_
_atom_site.group_PDB 
_atom_site.id 
_atom_site.type_symbol 
_atom_site.label_atom_id 
_atom_site.label_alt_id 
_atom_site.label_comp_id 
_atom_site.label_asym_id 
_atom_site.label_entity_id 
_atom_site.label_seq_id 
_atom_site.pdbx_PDB_ins_code 
_atom_site.Cartn_x 
_atom_site.Cartn_y 
_atom_site.Cartn_z 
_atom_site.occupancy 
_atom_site.B_iso_or_equiv 
_atom_site.pdbx_formal_charge 
_atom_site.auth_seq_id 
_atom_site.auth_comp_id 
_atom_site.auth_asym_id 
_atom_site.auth_atom_id 
_atom_site.pdbx_PDB_model_num 
ATOM   1   N N   . GLY A 1 4  ? 9.461   -1.909  12.728  1.00 41.37 ? 92  GLY A N   1 
ATOM   2   C CA  . GLY A 1 4  ? 8.420   -2.843  12.213  1.00 37.66 ? 92  GLY A CA  1 
ATOM   3   C C   . GLY A 1 4  ? 7.705   -2.401  10.942  1.00 37.05 ? 92  GLY A C   1 
ATOM   4   O O   . GLY A 1 4  ? 6.502   -2.661  10.804  1.00 30.88 ? 92  GLY A O   1 
ATOM   5   N N   . VAL A 1 5  ? 8.410   -1.704  10.050  1.00 32.26 ? 93  VAL A N   1 
ATOM   6   C CA  . VAL A 1 5  ? 7.865   -1.306  8.739   1.00 30.51 ? 93  VAL A CA  1 
ATOM   7   C C   . VAL A 1 5  ? 8.822   -1.653  7.608   1.00 29.43 ? 93  VAL A C   1 
ATOM   8   O O   . VAL A 1 5  ? 10.039  -1.690  7.772   1.00 27.63 ? 93  VAL A O   1 
ATOM   9   C CB  . VAL A 1 5  ? 7.452   0.179   8.607   1.00 34.84 ? 93  VAL A CB  1 
ATOM   10  C CG1 . VAL A 1 5  ? 6.267   0.505   9.508   1.00 36.07 ? 93  VAL A CG1 1 
ATOM   11  C CG2 . VAL A 1 5  ? 8.622   1.094   8.916   1.00 35.20 ? 93  VAL A CG2 1 
ATOM   12  N N   . THR A 1 6  ? 8.240   -2.017  6.470   1.00 26.39 ? 94  THR A N   1 
ATOM   13  C CA  . THR A 1 6  ? 9.022   -2.537  5.371   1.00 20.86 ? 94  THR A CA  1 
ATOM   14  C C   . THR A 1 6  ? 8.588   -1.699  4.176   1.00 18.87 ? 94  THR A C   1 
ATOM   15  O O   . THR A 1 6  ? 7.424   -1.343  4.085   1.00 17.37 ? 94  THR A O   1 
ATOM   16  C CB  . THR A 1 6  ? 8.679   -4.020  5.123   1.00 20.52 ? 94  THR A CB  1 
ATOM   17  O OG1 . THR A 1 6  ? 9.308   -4.849  6.117   1.00 22.61 ? 94  THR A OG1 1 
ATOM   18  C CG2 . THR A 1 6  ? 9.204   -4.419  3.745   1.00 18.61 ? 94  THR A CG2 1 
ATOM   19  N N   . ILE A 1 7  ? 9.501   -1.394  3.266   1.00 17.43 ? 95  ILE A N   1 
ATOM   20  C CA  . ILE A 1 7  ? 9.157   -0.508  2.138   1.00 17.14 ? 95  ILE A CA  1 
ATOM   21  C C   . ILE A 1 7  ? 8.720   -1.336  0.931   1.00 15.03 ? 95  ILE A C   1 
ATOM   22  O O   . ILE A 1 7  ? 9.410   -2.286  0.574   1.00 15.45 ? 95  ILE A O   1 
ATOM   23  C CB  . ILE A 1 7  ? 10.346  0.407   1.727   1.00 17.70 ? 95  ILE A CB  1 
ATOM   24  C CG1 . ILE A 1 7  ? 10.843  1.211   2.943   1.00 21.41 ? 95  ILE A CG1 1 
ATOM   25  C CG2 . ILE A 1 7  ? 9.893   1.329   0.580   1.00 15.62 ? 95  ILE A CG2 1 
ATOM   26  C CD1 . ILE A 1 7  ? 9.743   1.927   3.757   1.00 20.65 ? 95  ILE A CD1 1 
ATOM   27  N N   . PHE A 1 8  ? 7.629   -0.959  0.269   1.00 11.87 ? 96  PHE A N   1 
ATOM   28  C CA  . PHE A 1 8  ? 7.141   -1.636  -0.940  1.00 11.50 ? 96  PHE A CA  1 
ATOM   29  C C   . PHE A 1 8  ? 6.877   -0.628  -2.048  1.00 13.47 ? 96  PHE A C   1 
ATOM   30  O O   . PHE A 1 8  ? 6.656   0.544   -1.731  1.00 15.51 ? 96  PHE A O   1 
ATOM   31  C CB  . PHE A 1 8  ? 5.798   -2.316  -0.604  1.00 14.55 ? 96  PHE A CB  1 
ATOM   32  C CG  . PHE A 1 8  ? 5.961   -3.641  0.133   1.00 14.82 ? 96  PHE A CG  1 
ATOM   33  C CD1 . PHE A 1 8  ? 6.226   -3.706  1.493   1.00 16.42 ? 96  PHE A CD1 1 
ATOM   34  C CD2 . PHE A 1 8  ? 5.806   -4.829  -0.559  1.00 15.82 ? 96  PHE A CD2 1 
ATOM   35  C CE1 . PHE A 1 8  ? 6.343   -4.909  2.160   1.00 17.97 ? 96  PHE A CE1 1 
ATOM   36  C CE2 . PHE A 1 8  ? 5.971   -6.063  0.089   1.00 19.10 ? 96  PHE A CE2 1 
ATOM   37  C CZ  . PHE A 1 8  ? 6.228   -6.116  1.443   1.00 14.96 ? 96  PHE A CZ  1 
ATOM   38  N N   . VAL A 1 9  ? 6.791   -1.080  -3.299  1.00 10.92 ? 97  VAL A N   1 
ATOM   39  C CA  . VAL A 1 9  ? 6.428   -0.246  -4.450  1.00 16.55 ? 97  VAL A CA  1 
ATOM   40  C C   . VAL A 1 9  ? 5.182   -0.788  -5.153  1.00 12.48 ? 97  VAL A C   1 
ATOM   41  O O   . VAL A 1 9  ? 5.046   -1.997  -5.276  1.00 15.93 ? 97  VAL A O   1 
ATOM   42  C CB  . VAL A 1 9  ? 7.596   -0.216  -5.481  1.00 18.82 ? 97  VAL A CB  1 
ATOM   43  C CG1 . VAL A 1 9  ? 8.002   -1.630  -5.912  1.00 19.70 ? 97  VAL A CG1 1 
ATOM   44  C CG2 . VAL A 1 9  ? 7.275   0.660   -6.721  1.00 18.75 ? 97  VAL A CG2 1 
ATOM   45  N N   . ALA A 1 10 ? 4.295   0.094   -5.608  1.00 12.91 ? 98  ALA A N   1 
ATOM   46  C CA  . ALA A 1 10 ? 3.122   -0.266  -6.381  1.00 12.49 ? 98  ALA A CA  1 
ATOM   47  C C   . ALA A 1 10 ? 3.496   -0.776  -7.761  1.00 16.77 ? 98  ALA A C   1 
ATOM   48  O O   . ALA A 1 10 ? 4.230   -0.118  -8.516  1.00 14.65 ? 98  ALA A O   1 
ATOM   49  C CB  . ALA A 1 10 ? 2.191   0.971   -6.516  1.00 15.47 ? 98  ALA A CB  1 
ATOM   50  N N   . LEU A 1 11 ? 2.973   -1.954  -8.099  1.00 15.45 ? 99  LEU A N   1 
ATOM   51  C CA  . LEU A 1 11 ? 3.143   -2.489  -9.448  1.00 17.93 ? 99  LEU A CA  1 
ATOM   52  C C   . LEU A 1 11 ? 2.106   -1.991  -10.465 1.00 20.79 ? 99  LEU A C   1 
ATOM   53  O O   . LEU A 1 11 ? 2.270   -2.165  -11.677 1.00 16.14 ? 99  LEU A O   1 
ATOM   54  C CB  . LEU A 1 11 ? 2.986   -4.009  -9.386  1.00 20.07 ? 99  LEU A CB  1 
ATOM   55  C CG  . LEU A 1 11 ? 3.948   -4.724  -8.448  1.00 22.22 ? 99  LEU A CG  1 
ATOM   56  C CD1 . LEU A 1 11 ? 3.579   -6.176  -8.513  1.00 25.38 ? 99  LEU A CD1 1 
ATOM   57  C CD2 . LEU A 1 11 ? 5.345   -4.416  -8.953  1.00 26.28 ? 99  LEU A CD2 1 
ATOM   58  N N   . TYR A 1 12 ? 1.013   -1.432  -9.956  1.00 16.77 ? 100 TYR A N   1 
ATOM   59  C CA  . TYR A 1 12 ? -0.148  -1.094  -10.748 1.00 15.42 ? 100 TYR A CA  1 
ATOM   60  C C   . TYR A 1 12 ? -0.810  0.117   -10.111 1.00 14.69 ? 100 TYR A C   1 
ATOM   61  O O   . TYR A 1 12 ? -0.619  0.392   -8.930  1.00 14.88 ? 100 TYR A O   1 
ATOM   62  C CB  . TYR A 1 12 ? -1.234  -2.183  -10.863 1.00 20.02 ? 100 TYR A CB  1 
ATOM   63  C CG  . TYR A 1 12 ? -0.779  -3.629  -10.910 1.00 20.28 ? 100 TYR A CG  1 
ATOM   64  C CD1 . TYR A 1 12 ? -0.966  -4.467  -9.819  1.00 25.26 ? 100 TYR A CD1 1 
ATOM   65  C CD2 . TYR A 1 12 ? -0.186  -4.146  -12.050 1.00 25.06 ? 100 TYR A CD2 1 
ATOM   66  C CE1 . TYR A 1 12 ? -0.585  -5.797  -9.860  1.00 28.57 ? 100 TYR A CE1 1 
ATOM   67  C CE2 . TYR A 1 12 ? 0.233   -5.463  -12.094 1.00 25.48 ? 100 TYR A CE2 1 
ATOM   68  C CZ  . TYR A 1 12 ? 0.032   -6.268  -11.008 1.00 27.29 ? 100 TYR A CZ  1 
ATOM   69  O OH  . TYR A 1 12 ? 0.452   -7.570  -11.085 1.00 26.61 ? 100 TYR A OH  1 
ATOM   70  N N   . ASP A 1 13 ? -1.528  0.879   -10.925 1.00 12.21 ? 101 ASP A N   1 
ATOM   71  C CA  . ASP A 1 13 ? -2.389  1.951   -10.399 1.00 10.12 ? 101 ASP A CA  1 
ATOM   72  C C   . ASP A 1 13 ? -3.574  1.302   -9.675  1.00 12.17 ? 101 ASP A C   1 
ATOM   73  O O   . ASP A 1 13 ? -3.982  0.194   -10.047 1.00 13.34 ? 101 ASP A O   1 
ATOM   74  C CB  . ASP A 1 13 ? -3.047  2.715   -11.526 1.00 15.04 ? 101 ASP A CB  1 
ATOM   75  C CG  . ASP A 1 13 ? -2.094  3.655   -12.231 1.00 20.75 ? 101 ASP A CG  1 
ATOM   76  O OD1 . ASP A 1 13 ? -0.990  3.987   -11.747 1.00 18.30 ? 101 ASP A OD1 1 
ATOM   77  O OD2 . ASP A 1 13 ? -2.498  4.054   -13.334 1.00 19.84 ? 101 ASP A OD2 1 
ATOM   78  N N   . TYR A 1 14 ? -4.113  1.963   -8.657  1.00 11.92 ? 102 TYR A N   1 
ATOM   79  C CA  . TYR A 1 14 ? -5.258  1.335   -7.973  1.00 14.54 ? 102 TYR A CA  1 
ATOM   80  C C   . TYR A 1 14 ? -6.156  2.468   -7.521  1.00 12.93 ? 102 TYR A C   1 
ATOM   81  O O   . TYR A 1 14 ? -5.712  3.376   -6.815  1.00 13.85 ? 102 TYR A O   1 
ATOM   82  C CB  . TYR A 1 14 ? -4.819  0.578   -6.722  1.00 11.27 ? 102 TYR A CB  1 
ATOM   83  C CG  . TYR A 1 14 ? -5.950  0.063   -5.841  1.00 10.92 ? 102 TYR A CG  1 
ATOM   84  C CD1 . TYR A 1 14 ? -6.677  -1.035  -6.280  1.00 12.25 ? 102 TYR A CD1 1 
ATOM   85  C CD2 . TYR A 1 14 ? -6.184  0.551   -4.546  1.00 10.31 ? 102 TYR A CD2 1 
ATOM   86  C CE1 . TYR A 1 14 ? -7.633  -1.596  -5.475  1.00 11.21 ? 102 TYR A CE1 1 
ATOM   87  C CE2 . TYR A 1 14 ? -7.124  -0.044  -3.692  1.00 10.53 ? 102 TYR A CE2 1 
ATOM   88  C CZ  . TYR A 1 14 ? -7.886  -1.099  -4.220  1.00 14.89 ? 102 TYR A CZ  1 
ATOM   89  O OH  . TYR A 1 14 ? -8.874  -1.743  -3.499  1.00 10.19 ? 102 TYR A OH  1 
ATOM   90  N N   . GLU A 1 15 ? -7.418  2.406   -7.935  1.00 13.43 ? 103 GLU A N   1 
ATOM   91  C CA  . GLU A 1 15 ? -8.450  3.277   -7.361  1.00 12.68 ? 103 GLU A CA  1 
ATOM   92  C C   . GLU A 1 15 ? -9.123  2.666   -6.112  1.00 12.81 ? 103 GLU A C   1 
ATOM   93  O O   . GLU A 1 15 ? -9.613  1.535   -6.159  1.00 12.08 ? 103 GLU A O   1 
ATOM   94  C CB  . GLU A 1 15 ? -9.501  3.521   -8.451  1.00 18.49 ? 103 GLU A CB  1 
ATOM   95  C CG  . GLU A 1 15 ? -9.000  4.389   -9.600  1.00 29.82 ? 103 GLU A CG  1 
ATOM   96  C CD  . GLU A 1 15 ? -8.904  5.849   -9.198  1.00 38.20 ? 103 GLU A CD  1 
ATOM   97  O OE1 . GLU A 1 15 ? -9.849  6.610   -9.514  1.00 43.41 ? 103 GLU A OE1 1 
ATOM   98  O OE2 . GLU A 1 15 ? -7.912  6.232   -8.531  1.00 41.61 ? 103 GLU A OE2 1 
ATOM   99  N N   . ALA A 1 16 ? -9.193  3.391   -4.992  1.00 13.75 ? 104 ALA A N   1 
ATOM   100 C CA  . ALA A 1 16 ? -9.728  2.841   -3.749  1.00 11.41 ? 104 ALA A CA  1 
ATOM   101 C C   . ALA A 1 16 ? -11.077 2.169   -4.012  1.00 12.76 ? 104 ALA A C   1 
ATOM   102 O O   . ALA A 1 16 ? -11.893 2.699   -4.748  1.00 14.28 ? 104 ALA A O   1 
ATOM   103 C CB  . ALA A 1 16 ? -9.904  3.963   -2.724  1.00 12.68 ? 104 ALA A CB  1 
ATOM   104 N N   . ARG A 1 17 ? -11.316 1.004   -3.418  1.00 13.78 ? 105 ARG A N   1 
ATOM   105 C CA  . ARG A 1 17 ? -12.582 0.288   -3.558  1.00 12.90 ? 105 ARG A CA  1 
ATOM   106 C C   . ARG A 1 17 ? -13.376 0.277   -2.250  1.00 13.50 ? 105 ARG A C   1 
ATOM   107 O O   . ARG A 1 17 ? -14.468 -0.297  -2.193  1.00 15.56 ? 105 ARG A O   1 
ATOM   108 C CB  . ARG A 1 17 ? -12.307 -1.165  -4.007  1.00 6.88  ? 105 ARG A CB  1 
ATOM   109 C CG  . ARG A 1 17 ? -11.689 -1.179  -5.443  1.00 5.00  ? 105 ARG A CG  1 
ATOM   110 C CD  . ARG A 1 17 ? -11.367 -2.607  -5.945  1.00 11.20 ? 105 ARG A CD  1 
ATOM   111 N NE  . ARG A 1 17 ? -12.561 -3.461  -5.751  1.00 10.04 ? 105 ARG A NE  1 
ATOM   112 C CZ  . ARG A 1 17 ? -13.616 -3.495  -6.558  1.00 10.42 ? 105 ARG A CZ  1 
ATOM   113 N NH1 . ARG A 1 17 ? -13.609 -2.809  -7.689  1.00 11.44 ? 105 ARG A NH1 1 
ATOM   114 N NH2 . ARG A 1 17 ? -14.651 -4.284  -6.292  1.00 11.10 ? 105 ARG A NH2 1 
ATOM   115 N N   . THR A 1 18 ? -12.848 0.929   -1.223  1.00 9.28  ? 106 THR A N   1 
ATOM   116 C CA  . THR A 1 18 ? -13.653 1.319   -0.059  1.00 11.18 ? 106 THR A CA  1 
ATOM   117 C C   . THR A 1 18 ? -13.056 2.644   0.417   1.00 13.84 ? 106 THR A C   1 
ATOM   118 O O   . THR A 1 18 ? -11.934 2.950   0.038   1.00 13.53 ? 106 THR A O   1 
ATOM   119 C CB  . THR A 1 18 ? -13.562 0.361   1.157   1.00 13.25 ? 106 THR A CB  1 
ATOM   120 O OG1 . THR A 1 18 ? -12.290 0.497   1.781   1.00 15.17 ? 106 THR A OG1 1 
ATOM   121 C CG2 . THR A 1 18 ? -13.680 -1.127  0.761   1.00 13.65 ? 106 THR A CG2 1 
ATOM   122 N N   . THR A 1 19 ? -13.756 3.383   1.282   1.00 16.45 ? 107 THR A N   1 
ATOM   123 C CA  . THR A 1 19 ? -13.230 4.654   1.785   1.00 19.06 ? 107 THR A CA  1 
ATOM   124 C C   . THR A 1 19 ? -12.072 4.425   2.764   1.00 21.37 ? 107 THR A C   1 
ATOM   125 O O   . THR A 1 19 ? -11.427 5.399   3.182   1.00 17.86 ? 107 THR A O   1 
ATOM   126 C CB  . THR A 1 19 ? -14.337 5.427   2.529   1.00 16.43 ? 107 THR A CB  1 
ATOM   127 O OG1 . THR A 1 19 ? -15.005 4.482   3.359   1.00 15.47 ? 107 THR A OG1 1 
ATOM   128 C CG2 . THR A 1 19 ? -15.358 5.966   1.517   1.00 16.41 ? 107 THR A CG2 1 
ATOM   129 N N   . GLU A 1 20 ? -11.850 3.172   3.170   1.00 15.82 ? 108 GLU A N   1 
ATOM   130 C CA  . GLU A 1 20 ? -10.665 2.857   3.965   1.00 16.06 ? 108 GLU A CA  1 
ATOM   131 C C   . GLU A 1 20 ? -9.477  2.322   3.192   1.00 11.58 ? 108 GLU A C   1 
ATOM   132 O O   . GLU A 1 20 ? -8.447  2.086   3.782   1.00 12.53 ? 108 GLU A O   1 
ATOM   133 C CB  . GLU A 1 20 ? -10.990 1.829   5.045   1.00 20.30 ? 108 GLU A CB  1 
ATOM   134 C CG  . GLU A 1 20 ? -11.802 2.536   6.124   1.00 22.06 ? 108 GLU A CG  1 
ATOM   135 C CD  . GLU A 1 20 ? -12.398 1.495   7.002   1.00 24.68 ? 108 GLU A CD  1 
ATOM   136 O OE1 . GLU A 1 20 ? -11.746 1.169   8.011   1.00 27.88 ? 108 GLU A OE1 1 
ATOM   137 O OE2 . GLU A 1 20 ? -13.461 0.977   6.611   1.00 35.32 ? 108 GLU A OE2 1 
ATOM   138 N N   . ASP A 1 21 ? -9.617  2.198   1.881   1.00 12.27 ? 109 ASP A N   1 
ATOM   139 C CA  . ASP A 1 21 ? -8.491  1.953   0.988   1.00 7.52  ? 109 ASP A CA  1 
ATOM   140 C C   . ASP A 1 21 ? -7.731  3.240   0.632   1.00 12.41 ? 109 ASP A C   1 
ATOM   141 O O   . ASP A 1 21 ? -8.258  4.362   0.662   1.00 14.05 ? 109 ASP A O   1 
ATOM   142 C CB  . ASP A 1 21 ? -9.005  1.406   -0.347  1.00 7.88  ? 109 ASP A CB  1 
ATOM   143 C CG  . ASP A 1 21 ? -9.543  -0.010  -0.285  1.00 9.36  ? 109 ASP A CG  1 
ATOM   144 O OD1 . ASP A 1 21 ? -9.720  -0.594  0.800   1.00 12.25 ? 109 ASP A OD1 1 
ATOM   145 O OD2 . ASP A 1 21 ? -9.899  -0.509  -1.381  1.00 8.74  ? 109 ASP A OD2 1 
ATOM   146 N N   . LEU A 1 22 ? -6.436  3.087   0.388   1.00 14.59 ? 110 LEU A N   1 
ATOM   147 C CA  . LEU A 1 22 ? -5.686  4.085   -0.368  1.00 12.34 ? 110 LEU A CA  1 
ATOM   148 C C   . LEU A 1 22 ? -5.998  4.037   -1.852  1.00 17.55 ? 110 LEU A C   1 
ATOM   149 O O   . LEU A 1 22 ? -6.199  2.964   -2.424  1.00 20.46 ? 110 LEU A O   1 
ATOM   150 C CB  . LEU A 1 22 ? -4.179  3.891   -0.171  1.00 14.47 ? 110 LEU A CB  1 
ATOM   151 C CG  . LEU A 1 22 ? -3.441  4.434   1.057   1.00 19.96 ? 110 LEU A CG  1 
ATOM   152 C CD1 . LEU A 1 22 ? -1.931  4.162   0.892   1.00 17.48 ? 110 LEU A CD1 1 
ATOM   153 C CD2 . LEU A 1 22 ? -3.746  5.936   1.246   1.00 20.35 ? 110 LEU A CD2 1 
ATOM   154 N N   . SER A 1 23 ? -5.984  5.191   -2.508  1.00 14.17 ? 111 SER A N   1 
ATOM   155 C CA  . SER A 1 23 ? -5.767  5.196   -3.952  1.00 12.56 ? 111 SER A CA  1 
ATOM   156 C C   . SER A 1 23 ? -4.280  5.426   -4.212  1.00 14.87 ? 111 SER A C   1 
ATOM   157 O O   . SER A 1 23 ? -3.640  6.156   -3.451  1.00 13.11 ? 111 SER A O   1 
ATOM   158 C CB  . SER A 1 23 ? -6.581  6.326   -4.589  1.00 12.88 ? 111 SER A CB  1 
ATOM   159 O OG  . SER A 1 23 ? -7.934  5.921   -4.702  1.00 16.53 ? 111 SER A OG  1 
ATOM   160 N N   . PHE A 1 24 ? -3.725  4.820   -5.260  1.00 12.36 ? 112 PHE A N   1 
ATOM   161 C CA  . PHE A 1 24 ? -2.298  5.061   -5.484  1.00 18.64 ? 112 PHE A CA  1 
ATOM   162 C C   . PHE A 1 24 ? -1.933  4.824   -6.938  1.00 17.24 ? 112 PHE A C   1 
ATOM   163 O O   . PHE A 1 24 ? -2.751  4.297   -7.701  1.00 12.49 ? 112 PHE A O   1 
ATOM   164 C CB  . PHE A 1 24 ? -1.428  4.165   -4.606  1.00 15.97 ? 112 PHE A CB  1 
ATOM   165 C CG  . PHE A 1 24 ? -1.738  2.685   -4.722  1.00 13.02 ? 112 PHE A CG  1 
ATOM   166 C CD1 . PHE A 1 24 ? -1.141  1.907   -5.714  1.00 10.34 ? 112 PHE A CD1 1 
ATOM   167 C CD2 . PHE A 1 24 ? -2.509  2.055   -3.762  1.00 11.51 ? 112 PHE A CD2 1 
ATOM   168 C CE1 . PHE A 1 24 ? -1.360  0.529   -5.777  1.00 12.24 ? 112 PHE A CE1 1 
ATOM   169 C CE2 . PHE A 1 24 ? -2.729  0.674   -3.814  1.00 12.01 ? 112 PHE A CE2 1 
ATOM   170 C CZ  . PHE A 1 24 ? -2.162  -0.088  -4.802  1.00 12.98 ? 112 PHE A CZ  1 
ATOM   171 N N   . LYS A 1 25 ? -0.744  5.299   -7.308  1.00 17.44 ? 113 LYS A N   1 
ATOM   172 C CA  . LYS A 1 25 ? -0.212  5.095   -8.650  1.00 15.08 ? 113 LYS A CA  1 
ATOM   173 C C   . LYS A 1 25 ? 0.887   4.057   -8.730  1.00 16.20 ? 113 LYS A C   1 
ATOM   174 O O   . LYS A 1 25 ? 1.718   3.951   -7.829  1.00 16.61 ? 113 LYS A O   1 
ATOM   175 C CB  . LYS A 1 25 ? 0.418   6.409   -9.144  1.00 16.81 ? 113 LYS A CB  1 
ATOM   176 C CG  . LYS A 1 25 ? -0.602  7.517   -9.327  1.00 20.98 ? 113 LYS A CG  1 
ATOM   177 C CD  . LYS A 1 25 ? -1.597  7.158   -10.425 1.00 23.74 ? 113 LYS A CD  1 
ATOM   178 C CE  . LYS A 1 25 ? -2.727  8.185   -10.455 1.00 27.46 ? 113 LYS A CE  1 
ATOM   179 N NZ  . LYS A 1 25 ? -3.390  8.079   -11.801 1.00 30.09 ? 113 LYS A NZ  1 
ATOM   180 N N   . LYS A 1 26 ? 0.967   3.422   -9.891  1.00 15.23 ? 114 LYS A N   1 
ATOM   181 C CA  . LYS A 1 26 ? 2.095   2.557   -10.195 1.00 15.77 ? 114 LYS A CA  1 
ATOM   182 C C   . LYS A 1 26 ? 3.353   3.381   -9.965  1.00 19.09 ? 114 LYS A C   1 
ATOM   183 O O   . LYS A 1 26 ? 3.407   4.545   -10.382 1.00 15.95 ? 114 LYS A O   1 
ATOM   184 C CB  . LYS A 1 26 ? 1.969   2.106   -11.653 1.00 18.97 ? 114 LYS A CB  1 
ATOM   185 C CG  . LYS A 1 26 ? 3.046   1.119   -12.062 1.00 21.61 ? 114 LYS A CG  1 
ATOM   186 C CD  . LYS A 1 26 ? 2.929   0.864   -13.552 1.00 24.76 ? 114 LYS A CD  1 
ATOM   187 C CE  . LYS A 1 26 ? 4.022   -0.084  -13.988 1.00 31.01 ? 114 LYS A CE  1 
ATOM   188 N NZ  . LYS A 1 26 ? 3.699   -0.650  -15.334 1.00 37.89 ? 114 LYS A NZ  1 
ATOM   189 N N   . GLY A 1 27 ? 4.315   2.791   -9.250  1.00 14.51 ? 115 GLY A N   1 
ATOM   190 C CA  . GLY A 1 27 ? 5.602   3.413   -8.925  1.00 17.93 ? 115 GLY A CA  1 
ATOM   191 C C   . GLY A 1 27 ? 5.652   4.175   -7.615  1.00 16.99 ? 115 GLY A C   1 
ATOM   192 O O   . GLY A 1 27 ? 6.721   4.472   -7.096  1.00 18.25 ? 115 GLY A O   1 
ATOM   193 N N   . GLU A 1 28 ? 4.498   4.413   -6.996  1.00 13.74 ? 116 GLU A N   1 
ATOM   194 C CA  . GLU A 1 28 ? 4.438   4.989   -5.664  1.00 12.75 ? 116 GLU A CA  1 
ATOM   195 C C   . GLU A 1 28 ? 5.055   4.049   -4.633  1.00 14.42 ? 116 GLU A C   1 
ATOM   196 O O   . GLU A 1 28 ? 4.902   2.839   -4.765  1.00 13.71 ? 116 GLU A O   1 
ATOM   197 C CB  . GLU A 1 28 ? 2.961   5.172   -5.289  1.00 13.29 ? 116 GLU A CB  1 
ATOM   198 C CG  . GLU A 1 28 ? 2.720   6.124   -4.149  1.00 19.91 ? 116 GLU A CG  1 
ATOM   199 C CD  . GLU A 1 28 ? 1.354   6.762   -4.184  1.00 19.33 ? 116 GLU A CD  1 
ATOM   200 O OE1 . GLU A 1 28 ? 0.697   6.805   -5.257  1.00 18.48 ? 116 GLU A OE1 1 
ATOM   201 O OE2 . GLU A 1 28 ? 0.936   7.233   -3.100  1.00 18.44 ? 116 GLU A OE2 1 
ATOM   202 N N   . ARG A 1 29 ? 5.690   4.575   -3.584  1.00 13.91 ? 117 ARG A N   1 
ATOM   203 C CA  . ARG A 1 29 ? 6.232   3.714   -2.521  1.00 17.49 ? 117 ARG A CA  1 
ATOM   204 C C   . ARG A 1 29 ? 5.443   3.888   -1.226  1.00 12.93 ? 117 ARG A C   1 
ATOM   205 O O   . ARG A 1 29 ? 4.857   4.952   -1.008  1.00 15.66 ? 117 ARG A O   1 
ATOM   206 C CB  . ARG A 1 29 ? 7.716   3.978   -2.239  1.00 19.03 ? 117 ARG A CB  1 
ATOM   207 C CG  . ARG A 1 29 ? 8.708   3.601   -3.348  1.00 22.90 ? 117 ARG A CG  1 
ATOM   208 C CD  . ARG A 1 29 ? 10.018  4.388   -3.076  1.00 31.99 ? 117 ARG A CD  1 
ATOM   209 N NE  . ARG A 1 29 ? 11.071  4.108   -4.047  1.00 37.89 ? 117 ARG A NE  1 
ATOM   210 C CZ  . ARG A 1 29 ? 11.847  3.028   -4.003  1.00 42.03 ? 117 ARG A CZ  1 
ATOM   211 N NH1 . ARG A 1 29 ? 11.742  2.140   -3.024  1.00 42.17 ? 117 ARG A NH1 1 
ATOM   212 N NH2 . ARG A 1 29 ? 12.744  2.816   -4.954  1.00 48.18 ? 117 ARG A NH2 1 
ATOM   213 N N   . PHE A 1 30 ? 5.467   2.853   -0.382  1.00 10.29 ? 118 PHE A N   1 
ATOM   214 C CA  . PHE A 1 30 ? 4.696   2.778   0.856   1.00 10.82 ? 118 PHE A CA  1 
ATOM   215 C C   . PHE A 1 30 ? 5.557   2.139   1.922   1.00 11.70 ? 118 PHE A C   1 
ATOM   216 O O   . PHE A 1 30 ? 6.383   1.251   1.637   1.00 16.18 ? 118 PHE A O   1 
ATOM   217 C CB  . PHE A 1 30 ? 3.470   1.862   0.783   1.00 12.92 ? 118 PHE A CB  1 
ATOM   218 C CG  . PHE A 1 30 ? 2.651   2.056   -0.453  1.00 15.53 ? 118 PHE A CG  1 
ATOM   219 C CD1 . PHE A 1 30 ? 2.929   1.294   -1.580  1.00 16.10 ? 118 PHE A CD1 1 
ATOM   220 C CD2 . PHE A 1 30 ? 1.621   2.978   -0.484  1.00 16.19 ? 118 PHE A CD2 1 
ATOM   221 C CE1 . PHE A 1 30 ? 2.174   1.413   -2.730  1.00 15.82 ? 118 PHE A CE1 1 
ATOM   222 C CE2 . PHE A 1 30 ? 0.869   3.130   -1.662  1.00 15.71 ? 118 PHE A CE2 1 
ATOM   223 C CZ  . PHE A 1 30 ? 1.184   2.357   -2.789  1.00 16.86 ? 118 PHE A CZ  1 
ATOM   224 N N   . GLN A 1 31 ? 5.280   2.570   3.143   1.00 13.29 ? 119 GLN A N   1 
ATOM   225 C CA  . GLN A 1 31 ? 5.585   1.755   4.316   1.00 14.10 ? 119 GLN A CA  1 
ATOM   226 C C   . GLN A 1 31 ? 4.441   0.779   4.567   1.00 15.23 ? 119 GLN A C   1 
ATOM   227 O O   . GLN A 1 31 ? 3.297   1.201   4.663   1.00 16.97 ? 119 GLN A O   1 
ATOM   228 C CB  . GLN A 1 31 ? 5.730   2.628   5.567   1.00 16.77 ? 119 GLN A CB  1 
ATOM   229 C CG  . GLN A 1 31 ? 6.791   3.717   5.431   1.00 19.41 ? 119 GLN A CG  1 
ATOM   230 C CD  . GLN A 1 31 ? 7.195   4.278   6.779   1.00 19.93 ? 119 GLN A CD  1 
ATOM   231 O OE1 . GLN A 1 31 ? 6.381   4.308   7.689   1.00 18.48 ? 119 GLN A OE1 1 
ATOM   232 N NE2 . GLN A 1 31 ? 8.434   4.738   6.918   1.00 17.50 ? 119 GLN A NE2 1 
ATOM   233 N N   . ILE A 1 32 ? 4.762   -0.509  4.697   1.00 13.36 ? 120 ILE A N   1 
ATOM   234 C CA  . ILE A 1 32 ? 3.795   -1.481  5.201   1.00 17.50 ? 120 ILE A CA  1 
ATOM   235 C C   . ILE A 1 32 ? 4.164   -1.837  6.645   1.00 24.05 ? 120 ILE A C   1 
ATOM   236 O O   . ILE A 1 32 ? 5.334   -2.180  6.872   1.00 24.17 ? 120 ILE A O   1 
ATOM   237 C CB  . ILE A 1 32 ? 3.842   -2.778  4.359   1.00 18.95 ? 120 ILE A CB  1 
ATOM   238 C CG1 . ILE A 1 32 ? 3.756   -2.532  2.840   1.00 21.68 ? 120 ILE A CG1 1 
ATOM   239 C CG2 . ILE A 1 32 ? 2.836   -3.815  4.869   1.00 23.18 ? 120 ILE A CG2 1 
ATOM   240 C CD1 . ILE A 1 32 ? 2.429   -2.010  2.335   1.00 25.58 ? 120 ILE A CD1 1 
ATOM   241 N N   . ILE A 1 33 ? 3.186   -1.793  7.554   0.50 21.01 ? 121 ILE A N   1 
ATOM   242 C CA  . ILE A 1 33 ? 3.221   -2.410  8.887   0.50 21.30 ? 121 ILE A CA  1 
ATOM   243 C C   . ILE A 1 33 ? 3.573   -3.902  8.846   0.50 21.18 ? 121 ILE A C   1 
ATOM   244 O O   . ILE A 1 33 ? 2.925   -4.643  8.124   0.50 20.93 ? 121 ILE A O   1 
ATOM   245 C CB  . ILE A 1 33 ? 1.853   -2.291  9.608   0.50 22.61 ? 121 ILE A CB  1 
ATOM   246 C CG1 . ILE A 1 33 ? 0.840   -3.288  9.032   0.50 22.62 ? 121 ILE A CG1 1 
ATOM   247 C CG2 . ILE A 1 33 ? 1.309   -0.857  9.548   0.50 23.91 ? 121 ILE A CG2 1 
ATOM   248 C CD1 . ILE A 1 33 ? -0.244  -3.765  10.009  0.50 24.46 ? 121 ILE A CD1 1 
ATOM   249 N N   . ASN A 1 34 ? 4.565   -4.363  9.604   0.50 19.88 ? 122 ASN A N   1 
ATOM   250 C CA  . ASN A 1 34 ? 5.047   -5.736  9.456   0.50 25.01 ? 122 ASN A CA  1 
ATOM   251 C C   . ASN A 1 34 ? 4.157   -6.925  9.799   0.50 31.77 ? 122 ASN A C   1 
ATOM   252 O O   . ASN A 1 34 ? 4.166   -7.942  9.098   0.50 35.10 ? 122 ASN A O   1 
ATOM   253 C CB  . ASN A 1 34 ? 6.403   -5.912  10.142  0.50 23.46 ? 122 ASN A CB  1 
ATOM   254 C CG  . ASN A 1 34 ? 7.535   -5.317  9.325   0.50 23.65 ? 122 ASN A CG  1 
ATOM   255 O OD1 . ASN A 1 34 ? 7.344   -4.978  8.157   0.50 25.24 ? 122 ASN A OD1 1 
ATOM   256 N ND2 . ASN A 1 34 ? 8.714   -5.198  9.921   0.50 21.13 ? 122 ASN A ND2 1 
ATOM   257 N N   . ASN A 1 35 ? 3.393   -6.836  10.879  0.50 34.91 ? 123 ASN A N   1 
ATOM   258 C CA  . ASN A 1 35 ? 2.787   -8.062  11.391  0.50 39.85 ? 123 ASN A CA  1 
ATOM   259 C C   . ASN A 1 35 ? 1.990   -8.851  10.353  0.50 38.24 ? 123 ASN A C   1 
ATOM   260 O O   . ASN A 1 35 ? 1.775   -10.054 10.490  0.50 37.43 ? 123 ASN A O   1 
ATOM   261 C CB  . ASN A 1 35 ? 1.921   -7.742  12.608  0.50 43.40 ? 123 ASN A CB  1 
ATOM   262 C CG  . ASN A 1 35 ? 2.347   -8.525  13.834  0.50 45.58 ? 123 ASN A CG  1 
ATOM   263 O OD1 . ASN A 1 35 ? 3.100   -9.496  13.730  0.50 46.70 ? 123 ASN A OD1 1 
ATOM   264 N ND2 . ASN A 1 35 ? 1.901   -8.083  15.005  0.50 45.87 ? 123 ASN A ND2 1 
ATOM   265 N N   . THR A 1 36 ? 1.666   -8.184  9.249   0.50 35.14 ? 124 THR A N   1 
ATOM   266 C CA  . THR A 1 36 ? 0.407   -8.384  8.546   0.50 29.90 ? 124 THR A CA  1 
ATOM   267 C C   . THR A 1 36 ? 0.215   -9.460  7.479   0.50 31.09 ? 124 THR A C   1 
ATOM   268 O O   . THR A 1 36 ? 1.001   -9.606  6.543   0.50 29.46 ? 124 THR A O   1 
ATOM   269 C CB  . THR A 1 36 ? 0.037   -7.056  7.889   0.50 27.93 ? 124 THR A CB  1 
ATOM   270 O OG1 . THR A 1 36 ? -1.369  -7.030  7.623   0.50 27.93 ? 124 THR A OG1 1 
ATOM   271 C CG2 . THR A 1 36 ? 0.862   -6.853  6.613   0.50 25.00 ? 124 THR A CG2 1 
ATOM   272 N N   . GLU A 1 37 ? -0.903  -10.167 7.606   0.50 29.12 ? 125 GLU A N   1 
ATOM   273 C CA  . GLU A 1 37 ? -1.434  -10.945 6.493   0.50 28.37 ? 125 GLU A CA  1 
ATOM   274 C C   . GLU A 1 37 ? -2.907  -10.752 6.113   0.50 27.42 ? 125 GLU A C   1 
ATOM   275 O O   . GLU A 1 37 ? -3.529  -9.723  6.359   0.50 26.61 ? 125 GLU A O   1 
ATOM   276 C CB  . GLU A 1 37 ? -1.112  -12.433 6.630   0.50 27.30 ? 125 GLU A CB  1 
ATOM   277 C CG  . GLU A 1 37 ? -1.518  -13.250 5.408   0.50 28.97 ? 125 GLU A CG  1 
ATOM   278 C CD  . GLU A 1 37 ? -1.064  -12.675 4.061   0.50 31.90 ? 125 GLU A CD  1 
ATOM   279 O OE1 . GLU A 1 37 ? -0.280  -11.696 3.996   0.50 28.54 ? 125 GLU A OE1 1 
ATOM   280 O OE2 . GLU A 1 37 ? -1.520  -13.232 3.037   0.50 33.03 ? 125 GLU A OE2 1 
ATOM   281 N N   . GLY A 1 38 ? -3.448  -11.772 5.458   0.50 26.89 ? 126 GLY A N   1 
ATOM   282 C CA  . GLY A 1 38 ? -4.615  -11.614 4.603   1.00 26.75 ? 126 GLY A CA  1 
ATOM   283 C C   . GLY A 1 38 ? -4.219  -10.859 3.350   1.00 25.79 ? 126 GLY A C   1 
ATOM   284 O O   . GLY A 1 38 ? -3.040  -10.629 3.087   1.00 25.86 ? 126 GLY A O   1 
ATOM   285 N N   . ASP A 1 39 ? -5.207  -10.462 2.563   1.00 18.31 ? 127 ASP A N   1 
ATOM   286 C CA  . ASP A 1 39 ? -4.927  -9.963  1.230   1.00 17.56 ? 127 ASP A CA  1 
ATOM   287 C C   . ASP A 1 39 ? -4.968  -8.432  1.134   1.00 17.11 ? 127 ASP A C   1 
ATOM   288 O O   . ASP A 1 39 ? -4.813  -7.921  0.030   1.00 14.36 ? 127 ASP A O   1 
ATOM   289 C CB  . ASP A 1 39 ? -5.931  -10.519 0.232   1.00 18.53 ? 127 ASP A CB  1 
ATOM   290 C CG  . ASP A 1 39 ? -5.797  -12.026 0.044   1.00 22.81 ? 127 ASP A CG  1 
ATOM   291 O OD1 . ASP A 1 39 ? -4.821  -12.634 0.543   1.00 21.06 ? 127 ASP A OD1 1 
ATOM   292 O OD2 . ASP A 1 39 ? -6.714  -12.551 -0.608  1.00 20.24 ? 127 ASP A OD2 1 
ATOM   293 N N   . TRP A 1 40 ? -5.209  -7.749  2.248   1.00 19.33 ? 128 TRP A N   1 
ATOM   294 C CA  . TRP A 1 40 ? -5.163  -6.286  2.325   1.00 17.90 ? 128 TRP A CA  1 
ATOM   295 C C   . TRP A 1 40 ? -4.236  -5.900  3.448   1.00 19.72 ? 128 TRP A C   1 
ATOM   296 O O   . TRP A 1 40 ? -4.409  -6.394  4.568   1.00 21.85 ? 128 TRP A O   1 
ATOM   297 C CB  . TRP A 1 40 ? -6.558  -5.741  2.619   1.00 21.54 ? 128 TRP A CB  1 
ATOM   298 C CG  . TRP A 1 40 ? -7.456  -6.006  1.475   1.00 19.26 ? 128 TRP A CG  1 
ATOM   299 C CD1 . TRP A 1 40 ? -7.620  -5.236  0.343   1.00 20.47 ? 128 TRP A CD1 1 
ATOM   300 C CD2 . TRP A 1 40 ? -8.280  -7.158  1.310   1.00 18.30 ? 128 TRP A CD2 1 
ATOM   301 N NE1 . TRP A 1 40 ? -8.558  -5.834  -0.471  1.00 18.87 ? 128 TRP A NE1 1 
ATOM   302 C CE2 . TRP A 1 40 ? -8.918  -7.039  0.065   1.00 17.68 ? 128 TRP A CE2 1 
ATOM   303 C CE3 . TRP A 1 40 ? -8.567  -8.255  2.112   1.00 24.12 ? 128 TRP A CE3 1 
ATOM   304 C CZ2 . TRP A 1 40 ? -9.854  -7.947  -0.372  1.00 23.33 ? 128 TRP A CZ2 1 
ATOM   305 C CZ3 . TRP A 1 40 ? -9.439  -9.215  1.630   1.00 26.13 ? 128 TRP A CZ3 1 
ATOM   306 C CH2 . TRP A 1 40 ? -10.080 -9.048  0.406   1.00 25.78 ? 128 TRP A CH2 1 
ATOM   307 N N   . TRP A 1 41 ? -3.260  -5.057  3.136   1.00 15.45 ? 129 TRP A N   1 
ATOM   308 C CA  . TRP A 1 41 ? -2.260  -4.617  4.096   1.00 18.68 ? 129 TRP A CA  1 
ATOM   309 C C   . TRP A 1 41 ? -2.481  -3.139  4.368   1.00 20.16 ? 129 TRP A C   1 
ATOM   310 O O   . TRP A 1 41 ? -2.852  -2.427  3.454   1.00 15.11 ? 129 TRP A O   1 
ATOM   311 C CB  . TRP A 1 41 ? -0.902  -4.755  3.424   1.00 20.01 ? 129 TRP A CB  1 
ATOM   312 C CG  . TRP A 1 41 ? -0.497  -6.213  3.222   1.00 19.55 ? 129 TRP A CG  1 
ATOM   313 C CD1 . TRP A 1 41 ? -1.142  -7.321  3.668   1.00 23.30 ? 129 TRP A CD1 1 
ATOM   314 C CD2 . TRP A 1 41 ? 0.698   -6.666  2.592   1.00 17.69 ? 129 TRP A CD2 1 
ATOM   315 N NE1 . TRP A 1 41 ? -0.427  -8.463  3.340   1.00 21.30 ? 129 TRP A NE1 1 
ATOM   316 C CE2 . TRP A 1 41 ? 0.701   -8.081  2.662   1.00 23.87 ? 129 TRP A CE2 1 
ATOM   317 C CE3 . TRP A 1 41 ? 1.742   -6.020  1.936   1.00 22.35 ? 129 TRP A CE3 1 
ATOM   318 C CZ2 . TRP A 1 41 ? 1.742   -8.856  2.145   1.00 20.67 ? 129 TRP A CZ2 1 
ATOM   319 C CZ3 . TRP A 1 41 ? 2.744   -6.792  1.361   1.00 22.77 ? 129 TRP A CZ3 1 
ATOM   320 C CH2 . TRP A 1 41 ? 2.757   -8.191  1.497   1.00 20.03 ? 129 TRP A CH2 1 
ATOM   321 N N   . GLU A 1 42 ? -2.220  -2.702  5.597   1.00 23.89 ? 130 GLU A N   1 
ATOM   322 C CA  . GLU A 1 42 ? -2.250  -1.291  5.967   1.00 22.33 ? 130 GLU A CA  1 
ATOM   323 C C   . GLU A 1 42 ? -0.976  -0.659  5.431   1.00 18.30 ? 130 GLU A C   1 
ATOM   324 O O   . GLU A 1 42 ? 0.145   -1.134  5.653   1.00 16.91 ? 130 GLU A O   1 
ATOM   325 C CB  . GLU A 1 42 ? -2.429  -1.128  7.491   1.00 22.59 ? 130 GLU A CB  1 
ATOM   326 C CG  . GLU A 1 42 ? -2.851  0.282   7.908   0.50 24.98 ? 130 GLU A CG  1 
ATOM   327 C CD  . GLU A 1 42 ? -2.826  0.522   9.412   0.50 28.53 ? 130 GLU A CD  1 
ATOM   328 O OE1 . GLU A 1 42 ? -3.183  -0.395  10.193  0.50 29.10 ? 130 GLU A OE1 1 
ATOM   329 O OE2 . GLU A 1 42 ? -2.473  1.656   9.811   0.50 30.48 ? 130 GLU A OE2 1 
ATOM   330 N N   . ALA A 1 43 ? -1.146  0.384   4.622   1.00 17.34 ? 131 ALA A N   1 
ATOM   331 C CA  . ALA A 1 43 ? -0.025  1.035   3.963   1.00 16.92 ? 131 ALA A CA  1 
ATOM   332 C C   . ALA A 1 43 ? -0.050  2.532   4.272   1.00 18.61 ? 131 ALA A C   1 
ATOM   333 O O   . ALA A 1 43 ? -1.135  3.104   4.409   1.00 18.79 ? 131 ALA A O   1 
ATOM   334 C CB  . ALA A 1 43 ? -0.126  0.818   2.466   1.00 17.57 ? 131 ALA A CB  1 
ATOM   335 N N   . ARG A 1 44 ? 1.133   3.138   4.377   1.00 16.09 ? 132 ARG A N   1 
ATOM   336 C CA  . ARG A 1 44 ? 1.301   4.602   4.357   1.00 18.15 ? 132 ARG A CA  1 
ATOM   337 C C   . ARG A 1 44 ? 2.112   5.034   3.145   1.00 15.68 ? 132 ARG A C   1 
ATOM   338 O O   . ARG A 1 44 ? 3.221   4.545   2.932   1.00 18.37 ? 132 ARG A O   1 
ATOM   339 C CB  . ARG A 1 44 ? 1.999   5.119   5.632   1.00 18.13 ? 132 ARG A CB  1 
ATOM   340 C CG  . ARG A 1 44 ? 2.104   6.652   5.631   1.00 19.81 ? 132 ARG A CG  1 
ATOM   341 C CD  . ARG A 1 44 ? 3.338   7.097   6.380   1.00 30.55 ? 132 ARG A CD  1 
ATOM   342 N NE  . ARG A 1 44 ? 3.234   8.505   6.757   1.00 33.40 ? 132 ARG A NE  1 
ATOM   343 C CZ  . ARG A 1 44 ? 3.771   9.537   6.109   1.00 38.33 ? 132 ARG A CZ  1 
ATOM   344 N NH1 . ARG A 1 44 ? 4.484   9.374   4.993   1.00 34.05 ? 132 ARG A NH1 1 
ATOM   345 N NH2 . ARG A 1 44 ? 3.575   10.751  6.620   1.00 38.81 ? 132 ARG A NH2 1 
ATOM   346 N N   . SER A 1 45 ? 1.544   5.891   2.299   1.00 16.50 ? 133 SER A N   1 
ATOM   347 C CA  . SER A 1 45 ? 2.230   6.316   1.080   1.00 13.87 ? 133 SER A CA  1 
ATOM   348 C C   . SER A 1 45 ? 3.364   7.266   1.501   1.00 17.68 ? 133 SER A C   1 
ATOM   349 O O   . SER A 1 45 ? 3.151   8.163   2.327   1.00 16.78 ? 133 SER A O   1 
ATOM   350 C CB  . SER A 1 45 ? 1.244   6.987   0.121   1.00 16.97 ? 133 SER A CB  1 
ATOM   351 O OG  . SER A 1 45 ? 1.910   7.713   -0.897  1.00 19.49 ? 133 SER A OG  1 
ATOM   352 N N   . ILE A 1 46 ? 4.572   6.989   1.019   1.00 15.51 ? 134 ILE A N   1 
ATOM   353 C CA  . ILE A 1 46 ? 5.688   7.900   1.266   1.00 20.49 ? 134 ILE A CA  1 
ATOM   354 C C   . ILE A 1 46 ? 5.504   9.192   0.467   1.00 20.38 ? 134 ILE A C   1 
ATOM   355 O O   . ILE A 1 46 ? 5.835   10.272  0.957   1.00 22.46 ? 134 ILE A O   1 
ATOM   356 C CB  . ILE A 1 46 ? 7.050   7.258   0.949   1.00 21.15 ? 134 ILE A CB  1 
ATOM   357 C CG1 . ILE A 1 46 ? 7.342   6.134   1.944   1.00 20.39 ? 134 ILE A CG1 1 
ATOM   358 C CG2 . ILE A 1 46 ? 8.198   8.287   1.136   1.00 22.16 ? 134 ILE A CG2 1 
ATOM   359 C CD1 . ILE A 1 46 ? 8.464   5.281   1.408   1.00 22.84 ? 134 ILE A CD1 1 
ATOM   360 N N   . ALA A 1 47 ? 4.895   9.081   -0.709  1.00 17.14 ? 135 ALA A N   1 
ATOM   361 C CA  . ALA A 1 47 ? 4.531   10.254  -1.496  1.00 23.09 ? 135 ALA A CA  1 
ATOM   362 C C   . ALA A 1 47 ? 3.501   11.185  -0.848  1.00 25.41 ? 135 ALA A C   1 
ATOM   363 O O   . ALA A 1 47 ? 3.737   12.387  -0.689  1.00 23.34 ? 135 ALA A O   1 
ATOM   364 C CB  . ALA A 1 47 ? 4.092   9.838   -2.903  1.00 25.01 ? 135 ALA A CB  1 
ATOM   365 N N   . THR A 1 48 ? 2.367   10.645  -0.423  1.00 23.82 ? 136 THR A N   1 
ATOM   366 C CA  . THR A 1 48 ? 1.305   11.528  0.061   1.00 26.80 ? 136 THR A CA  1 
ATOM   367 C C   . THR A 1 48 ? 1.207   11.638  1.576   1.00 26.57 ? 136 THR A C   1 
ATOM   368 O O   . THR A 1 48 ? 0.567   12.564  2.079   1.00 30.39 ? 136 THR A O   1 
ATOM   369 C CB  . THR A 1 48 ? -0.068  11.108  -0.454  1.00 28.86 ? 136 THR A CB  1 
ATOM   370 O OG1 . THR A 1 48 ? -0.481  9.906   0.215   1.00 23.49 ? 136 THR A OG1 1 
ATOM   371 C CG2 . THR A 1 48 ? -0.042  10.913  -1.974  1.00 29.38 ? 136 THR A CG2 1 
ATOM   372 N N   . GLY A 1 49 ? 1.753   10.656  2.285   1.00 23.28 ? 137 GLY A N   1 
ATOM   373 C CA  . GLY A 1 49 ? 1.582   10.519  3.735   1.00 23.98 ? 137 GLY A CA  1 
ATOM   374 C C   . GLY A 1 49 ? 0.271   9.920   4.222   1.00 22.31 ? 137 GLY A C   1 
ATOM   375 O O   . GLY A 1 49 ? 0.013   9.795   5.436   1.00 19.68 ? 137 GLY A O   1 
ATOM   376 N N   . LYS A 1 50 ? -0.606  9.580   3.282   1.00 22.52 ? 138 LYS A N   1 
ATOM   377 C CA  . LYS A 1 50 ? -1.913  9.063   3.682   1.00 23.62 ? 138 LYS A CA  1 
ATOM   378 C C   . LYS A 1 50 ? -1.777  7.574   3.959   1.00 23.27 ? 138 LYS A C   1 
ATOM   379 O O   . LYS A 1 50 ? -0.931  6.927   3.341   1.00 16.75 ? 138 LYS A O   1 
ATOM   380 C CB  . LYS A 1 50 ? -2.957  9.349   2.602   1.00 23.47 ? 138 LYS A CB  1 
ATOM   381 C CG  . LYS A 1 50 ? -3.313  10.836  2.515   1.00 31.53 ? 138 LYS A CG  1 
ATOM   382 C CD  . LYS A 1 50 ? -3.562  11.251  1.076   1.00 33.51 ? 138 LYS A CD  1 
ATOM   383 C CE  . LYS A 1 50 ? -4.707  12.253  0.906   1.00 39.78 ? 138 LYS A CE  1 
ATOM   384 N NZ  . LYS A 1 50 ? -4.662  13.432  1.839   1.00 42.42 ? 138 LYS A NZ  1 
ATOM   385 N N   . ASN A 1 51 ? -2.657  7.066   4.822   1.00 22.05 ? 139 ASN A N   1 
ATOM   386 C CA  . ASN A 1 51 ? -2.670  5.689   5.291   1.00 22.90 ? 139 ASN A CA  1 
ATOM   387 C C   . ASN A 1 51 ? -3.984  5.024   4.850   1.00 21.14 ? 139 ASN A C   1 
ATOM   388 O O   . ASN A 1 51 ? -5.043  5.653   4.851   1.00 19.27 ? 139 ASN A O   1 
ATOM   389 C CB  . ASN A 1 51 ? -2.618  5.669   6.819   1.00 31.30 ? 139 ASN A CB  1 
ATOM   390 C CG  . ASN A 1 51 ? -1.303  6.190   7.386   1.00 41.06 ? 139 ASN A CG  1 
ATOM   391 O OD1 . ASN A 1 51 ? -0.344  5.431   7.503   1.00 43.05 ? 139 ASN A OD1 1 
ATOM   392 N ND2 . ASN A 1 51 ? -1.267  7.458   7.806   1.00 44.71 ? 139 ASN A ND2 1 
ATOM   393 N N   . GLY A 1 52 ? -3.951  3.754   4.470   1.00 12.42 ? 140 GLY A N   1 
ATOM   394 C CA  . GLY A 1 52 ? -5.200  3.060   4.140   1.00 11.26 ? 140 GLY A CA  1 
ATOM   395 C C   . GLY A 1 52 ? -4.876  1.633   3.730   1.00 11.62 ? 140 GLY A C   1 
ATOM   396 O O   . GLY A 1 52 ? -3.687  1.305   3.614   1.00 14.63 ? 140 GLY A O   1 
ATOM   397 N N   . TYR A 1 53 ? -5.908  0.858   3.406   1.00 12.32 ? 141 TYR A N   1 
ATOM   398 C CA  . TYR A 1 53 ? -5.660  -0.503  2.911   1.00 14.04 ? 141 TYR A CA  1 
ATOM   399 C C   . TYR A 1 53 ? -5.303  -0.507  1.428   1.00 13.14 ? 141 TYR A C   1 
ATOM   400 O O   . TYR A 1 53 ? -5.875  0.244   0.638   1.00 14.57 ? 141 TYR A O   1 
ATOM   401 C CB  . TYR A 1 53 ? -6.893  -1.403  3.028   1.00 17.79 ? 141 TYR A CB  1 
ATOM   402 C CG  . TYR A 1 53 ? -7.340  -1.675  4.438   1.00 24.35 ? 141 TYR A CG  1 
ATOM   403 C CD1 . TYR A 1 53 ? -8.591  -1.260  4.857   1.00 22.67 ? 141 TYR A CD1 1 
ATOM   404 C CD2 . TYR A 1 53 ? -6.500  -2.302  5.359   1.00 27.51 ? 141 TYR A CD2 1 
ATOM   405 C CE1 . TYR A 1 53 ? -9.014  -1.458  6.139   1.00 27.38 ? 141 TYR A CE1 1 
ATOM   406 C CE2 . TYR A 1 53 ? -6.939  -2.536  6.673   1.00 32.18 ? 141 TYR A CE2 1 
ATOM   407 C CZ  . TYR A 1 53 ? -8.204  -2.106  7.040   1.00 26.86 ? 141 TYR A CZ  1 
ATOM   408 O OH  . TYR A 1 53 ? -8.742  -2.283  8.300   1.00 32.39 ? 141 TYR A OH  1 
ATOM   409 N N   . ILE A 1 54 ? -4.418  -1.450  1.086   1.00 14.21 ? 142 ILE A N   1 
ATOM   410 C CA  . ILE A 1 54 ? -4.046  -1.796  -0.285  1.00 10.57 ? 142 ILE A CA  1 
ATOM   411 C C   . ILE A 1 54 ? -4.045  -3.312  -0.482  1.00 10.10 ? 142 ILE A C   1 
ATOM   412 O O   . ILE A 1 54 ? -3.791  -4.071  0.478   1.00 16.07 ? 142 ILE A O   1 
ATOM   413 C CB  . ILE A 1 54 ? -2.667  -1.163  -0.617  1.00 11.97 ? 142 ILE A CB  1 
ATOM   414 C CG1 . ILE A 1 54 ? -1.554  -1.972  0.041   1.00 13.45 ? 142 ILE A CG1 1 
ATOM   415 C CG2 . ILE A 1 54 ? -2.596  0.353   -0.246  1.00 12.56 ? 142 ILE A CG2 1 
ATOM   416 C CD1 . ILE A 1 54 ? -0.196  -1.437  -0.314  1.00 17.92 ? 142 ILE A CD1 1 
ATOM   417 N N   . PRO A 1 55 ? -4.333  -3.757  -1.709  1.00 13.98 ? 143 PRO A N   1 
ATOM   418 C CA  . PRO A 1 55 ? -4.303  -5.174  -2.022  1.00 11.53 ? 143 PRO A CA  1 
ATOM   419 C C   . PRO A 1 55 ? -2.852  -5.605  -1.987  1.00 13.97 ? 143 PRO A C   1 
ATOM   420 O O   . PRO A 1 55 ? -2.016  -4.952  -2.630  1.00 13.24 ? 143 PRO A O   1 
ATOM   421 C CB  . PRO A 1 55 ? -4.849  -5.245  -3.460  1.00 10.49 ? 143 PRO A CB  1 
ATOM   422 C CG  . PRO A 1 55 ? -5.426  -3.909  -3.757  1.00 13.40 ? 143 PRO A CG  1 
ATOM   423 C CD  . PRO A 1 55 ? -4.683  -2.945  -2.892  1.00 13.23 ? 143 PRO A CD  1 
ATOM   424 N N   . SER A 1 56 ? -2.597  -6.693  -1.257  1.00 11.37 ? 144 SER A N   1 
ATOM   425 C CA  . SER A 1 56 ? -1.225  -7.126  -1.018  1.00 11.86 ? 144 SER A CA  1 
ATOM   426 C C   . SER A 1 56 ? -0.529  -7.524  -2.311  1.00 18.71 ? 144 SER A C   1 
ATOM   427 O O   . SER A 1 56 ? 0.707   -7.434  -2.435  1.00 20.84 ? 144 SER A O   1 
ATOM   428 C CB  . SER A 1 56 ? -1.261  -8.319  -0.049  1.00 12.22 ? 144 SER A CB  1 
ATOM   429 O OG  . SER A 1 56 ? -1.865  -9.448  -0.678  1.00 14.32 ? 144 SER A OG  1 
ATOM   430 N N   . ASN A 1 57 ? -1.311  -7.980  -3.287  1.00 12.13 ? 145 ASN A N   1 
ATOM   431 C CA  . ASN A 1 57 ? -0.637  -8.380  -4.525  1.00 14.85 ? 145 ASN A CA  1 
ATOM   432 C C   . ASN A 1 57 ? -0.392  -7.238  -5.519  1.00 17.98 ? 145 ASN A C   1 
ATOM   433 O O   . ASN A 1 57 ? 0.079   -7.458  -6.635  1.00 14.26 ? 145 ASN A O   1 
ATOM   434 C CB  . ASN A 1 57 ? -1.400  -9.518  -5.178  1.00 24.02 ? 145 ASN A CB  1 
ATOM   435 C CG  . ASN A 1 57 ? -2.615  -9.019  -5.903  1.00 22.13 ? 145 ASN A CG  1 
ATOM   436 O OD1 . ASN A 1 57 ? -3.233  -8.047  -5.481  1.00 23.42 ? 145 ASN A OD1 1 
ATOM   437 N ND2 . ASN A 1 57 ? -2.965  -9.685  -6.993  1.00 28.93 ? 145 ASN A ND2 1 
ATOM   438 N N   . TYR A 1 58 ? -0.732  -6.010  -5.128  1.00 16.15 ? 146 TYR A N   1 
ATOM   439 C CA  . TYR A 1 58 ? -0.413  -4.820  -5.923  1.00 15.12 ? 146 TYR A CA  1 
ATOM   440 C C   . TYR A 1 58 ? 0.981   -4.292  -5.655  1.00 17.20 ? 146 TYR A C   1 
ATOM   441 O O   . TYR A 1 58 ? 1.391   -3.322  -6.312  1.00 14.68 ? 146 TYR A O   1 
ATOM   442 C CB  . TYR A 1 58 ? -1.429  -3.685  -5.688  1.00 14.24 ? 146 TYR A CB  1 
ATOM   443 C CG  . TYR A 1 58 ? -2.614  -3.780  -6.631  1.00 15.19 ? 146 TYR A CG  1 
ATOM   444 C CD1 . TYR A 1 58 ? -3.285  -5.000  -6.802  1.00 19.16 ? 146 TYR A CD1 1 
ATOM   445 C CD2 . TYR A 1 58 ? -3.023  -2.680  -7.389  1.00 15.66 ? 146 TYR A CD2 1 
ATOM   446 C CE1 . TYR A 1 58 ? -4.319  -5.120  -7.739  1.00 16.42 ? 146 TYR A CE1 1 
ATOM   447 C CE2 . TYR A 1 58 ? -4.077  -2.788  -8.324  1.00 16.09 ? 146 TYR A CE2 1 
ATOM   448 C CZ  . TYR A 1 58 ? -4.715  -4.010  -8.466  1.00 17.37 ? 146 TYR A CZ  1 
ATOM   449 O OH  . TYR A 1 58 ? -5.738  -4.165  -9.378  1.00 17.61 ? 146 TYR A OH  1 
ATOM   450 N N   . VAL A 1 59 ? 1.682   -4.882  -4.693  1.00 15.18 ? 147 VAL A N   1 
ATOM   451 C CA  . VAL A 1 59 ? 2.997   -4.342  -4.348  1.00 14.37 ? 147 VAL A CA  1 
ATOM   452 C C   . VAL A 1 59 ? 4.112   -5.372  -4.380  1.00 19.44 ? 147 VAL A C   1 
ATOM   453 O O   . VAL A 1 59 ? 3.844   -6.580  -4.289  1.00 17.28 ? 147 VAL A O   1 
ATOM   454 C CB  . VAL A 1 59 ? 2.984   -3.592  -2.986  1.00 11.53 ? 147 VAL A CB  1 
ATOM   455 C CG1 . VAL A 1 59 ? 2.058   -2.364  -3.108  1.00 10.06 ? 147 VAL A CG1 1 
ATOM   456 C CG2 . VAL A 1 59 ? 2.464   -4.466  -1.828  1.00 13.54 ? 147 VAL A CG2 1 
ATOM   457 N N   . ALA A 1 60 ? 5.349   -4.878  -4.478  1.00 15.68 ? 148 ALA A N   1 
ATOM   458 C CA  . ALA A 1 60 ? 6.517   -5.745  -4.298  1.00 18.23 ? 148 ALA A CA  1 
ATOM   459 C C   . ALA A 1 60 ? 7.526   -5.071  -3.369  1.00 14.66 ? 148 ALA A C   1 
ATOM   460 O O   . ALA A 1 60 ? 7.555   -3.838  -3.324  1.00 16.38 ? 148 ALA A O   1 
ATOM   461 C CB  . ALA A 1 60 ? 7.186   -5.972  -5.634  1.00 21.15 ? 148 ALA A CB  1 
ATOM   462 N N   . PRO A 1 61 ? 8.371   -5.856  -2.669  1.00 17.36 ? 149 PRO A N   1 
ATOM   463 C CA  . PRO A 1 61 ? 9.366   -5.249  -1.786  1.00 18.20 ? 149 PRO A CA  1 
ATOM   464 C C   . PRO A 1 61 ? 10.333  -4.331  -2.544  1.00 18.25 ? 149 PRO A C   1 
ATOM   465 O O   . PRO A 1 61 ? 10.655  -4.565  -3.719  1.00 17.41 ? 149 PRO A O   1 
ATOM   466 C CB  . PRO A 1 61 ? 10.084  -6.461  -1.166  1.00 21.14 ? 149 PRO A CB  1 
ATOM   467 C CG  . PRO A 1 61 ? 9.899   -7.568  -2.171  1.00 20.53 ? 149 PRO A CG  1 
ATOM   468 C CD  . PRO A 1 61 ? 8.448   -7.328  -2.615  1.00 20.40 ? 149 PRO A CD  1 
ATOM   469 N N   . ALA A 1 62 ? 10.699  -3.222  -1.902  1.00 20.32 ? 150 ALA A N   1 
ATOM   470 C CA  . ALA A 1 62 ? 11.581  -2.236  -2.524  1.00 25.52 ? 150 ALA A CA  1 
ATOM   471 C C   . ALA A 1 62 ? 12.776  -1.861  -1.641  1.00 27.10 ? 150 ALA A C   1 
ATOM   472 O O   . ALA A 1 62 ? 12.604  -1.118  -0.665  1.00 27.98 ? 150 ALA A O   1 
ATOM   473 C CB  . ALA A 1 62 ? 10.788  -0.997  -2.820  1.00 25.49 ? 150 ALA A CB  1 
HETATM 474 S S   . SO4 B 2 .  ? -13.143 -5.861  -3.035  0.33 17.08 ? 51  SO4 A S   1 
HETATM 475 O O1  . SO4 B 2 .  ? -13.469 -6.147  -1.648  0.33 15.74 ? 51  SO4 A O1  1 
HETATM 476 O O2  . SO4 B 2 .  ? -12.194 -6.898  -3.417  0.33 25.74 ? 51  SO4 A O2  1 
HETATM 477 O O3  . SO4 B 2 .  ? -14.265 -6.035  -3.943  0.33 15.51 ? 51  SO4 A O3  1 
HETATM 478 O O4  . SO4 B 2 .  ? -12.471 -4.584  -3.212  0.33 16.08 ? 51  SO4 A O4  1 
HETATM 479 O O   . HOH C 3 .  ? 6.567   7.348   -3.852  1.00 25.91 ? 1   HOH A O   1 
HETATM 480 O O   . HOH C 3 .  ? -5.250  6.172   -8.322  1.00 25.95 ? 2   HOH A O   1 
HETATM 481 O O   . HOH C 3 .  ? -4.210  -9.237  -2.651  1.00 24.13 ? 3   HOH A O   1 
HETATM 482 O O   . HOH C 3 .  ? -5.930  7.642   -1.039  1.00 25.41 ? 4   HOH A O   1 
HETATM 483 O O   . HOH C 3 .  ? -15.390 -0.351  7.859   1.00 24.21 ? 5   HOH A O   1 
HETATM 484 O O   . HOH C 3 .  ? -12.272 1.670   -7.602  1.00 22.34 ? 6   HOH A O   1 
HETATM 485 O O   . HOH C 3 .  ? -8.006  2.578   6.353   1.00 30.63 ? 7   HOH A O   1 
HETATM 486 O O   . HOH C 3 .  ? -6.174  -1.551  -10.578 1.00 29.13 ? 8   HOH A O   1 
HETATM 487 O O   . HOH C 3 .  ? -8.980  7.541   -2.519  1.00 22.71 ? 9   HOH A O   1 
HETATM 488 O O   . HOH C 3 .  ? -11.763 5.384   -6.022  1.00 20.60 ? 10  HOH A O   1 
HETATM 489 O O   . HOH C 3 .  ? -9.770  6.507   -0.207  1.00 21.17 ? 11  HOH A O   1 
HETATM 490 O O   . HOH C 3 .  ? -12.094 -1.329  7.833   1.00 29.08 ? 12  HOH A O   1 
HETATM 491 O O   . HOH C 3 .  ? -4.385  9.069   6.269   1.00 39.83 ? 13  HOH A O   1 
HETATM 492 O O   . HOH C 3 .  ? -16.432 2.371   0.997   1.00 26.48 ? 14  HOH A O   1 
HETATM 493 O O   . HOH C 3 .  ? -9.232  -12.186 -1.031  1.00 23.96 ? 15  HOH A O   1 
HETATM 494 O O   . HOH C 3 .  ? -9.195  -4.577  -3.393  1.00 26.10 ? 16  HOH A O   1 
HETATM 495 O O   . HOH C 3 .  ? 10.631  2.166   -6.859  1.00 34.50 ? 17  HOH A O   1 
HETATM 496 O O   . HOH C 3 .  ? -5.051  5.640   -10.893 1.00 29.32 ? 18  HOH A O   1 
HETATM 497 O O   . HOH C 3 .  ? 6.423   0.014   -10.025 1.00 24.78 ? 19  HOH A O   1 
HETATM 498 O O   . HOH C 3 .  ? -6.301  -8.143  -2.341  1.00 30.36 ? 20  HOH A O   1 
HETATM 499 O O   . HOH C 3 .  ? 3.412   -8.165  -1.941  1.00 31.79 ? 21  HOH A O   1 
HETATM 500 O O   . HOH C 3 .  ? -1.830  6.506   -14.058 1.00 29.77 ? 22  HOH A O   1 
HETATM 501 O O   . HOH C 3 .  ? -1.314  8.774   -5.629  1.00 29.26 ? 23  HOH A O   1 
HETATM 502 O O   . HOH C 3 .  ? -2.499  8.867   -0.957  1.00 22.89 ? 24  HOH A O   1 
HETATM 503 O O   . HOH C 3 .  ? -7.265  10.369  -2.955  1.00 42.80 ? 25  HOH A O   1 
HETATM 504 O O   . HOH C 3 .  ? -9.455  1.988   8.504   1.00 29.52 ? 26  HOH A O   1 
HETATM 505 O O   . HOH C 3 .  ? -8.034  0.210   -9.826  1.00 32.07 ? 27  HOH A O   1 
HETATM 506 O O   . HOH C 3 .  ? 12.233  -2.077  3.834   1.00 25.82 ? 28  HOH A O   1 
HETATM 507 O O   . HOH C 3 .  ? -11.992 -0.701  -8.735  1.00 19.63 ? 29  HOH A O   1 
HETATM 508 O O   . HOH C 3 .  ? -1.437  0.086   -13.734 1.00 27.62 ? 30  HOH A O   1 
HETATM 509 O O   . HOH C 3 .  ? -1.542  7.141   -2.381  1.00 32.08 ? 31  HOH A O   1 
HETATM 510 O O   . HOH C 3 .  ? 4.969   -2.433  -12.788 1.00 29.17 ? 32  HOH A O   1 
HETATM 511 O O   . HOH C 3 .  ? 3.328   -11.372 15.980  1.00 38.80 ? 33  HOH A O   1 
HETATM 512 O O   . HOH C 3 .  ? -15.568 -3.034  -2.023  0.33 10.60 ? 34  HOH A O   1 
HETATM 513 O O   . HOH C 3 .  ? -15.037 2.419   -5.306  1.00 31.75 ? 35  HOH A O   1 
HETATM 514 O O   . HOH C 3 .  ? -9.594  7.057   -6.531  1.00 31.02 ? 36  HOH A O   1 
HETATM 515 O O   . HOH C 3 .  ? -17.572 -0.324  -1.588  0.33 28.76 ? 37  HOH A O   1 
HETATM 516 O O   . HOH C 3 .  ? -16.111 2.166   3.984   0.50 44.01 ? 38  HOH A O   1 
HETATM 517 O O   . HOH C 3 .  ? 3.886   15.036  -1.873  0.33 21.82 ? 39  HOH A O   1 
HETATM 518 O O   . HOH C 3 .  ? -0.376  14.495  0.835   1.00 28.78 ? 40  HOH A O   1 
HETATM 519 O O   . HOH C 3 .  ? 0.546   -9.028  -8.664  1.00 32.92 ? 41  HOH A O   1 
# 
loop_
_pdbx_poly_seq_scheme.asym_id 
_pdbx_poly_seq_scheme.entity_id 
_pdbx_poly_seq_scheme.seq_id 
_pdbx_poly_seq_scheme.mon_id 
_pdbx_poly_seq_scheme.ndb_seq_num 
_pdbx_poly_seq_scheme.pdb_seq_num 
_pdbx_poly_seq_scheme.auth_seq_num 
_pdbx_poly_seq_scheme.pdb_mon_id 
_pdbx_poly_seq_scheme.auth_mon_id 
_pdbx_poly_seq_scheme.pdb_strand_id 
_pdbx_poly_seq_scheme.pdb_ins_code 
_pdbx_poly_seq_scheme.hetero 
A 1 1  MET 1  89  ?   ?   ?   A . n 
A 1 2  GLY 2  90  ?   ?   ?   A . n 
A 1 3  GLY 3  91  ?   ?   ?   A . n 
A 1 4  GLY 4  92  92  GLY GLY A . n 
A 1 5  VAL 5  93  93  VAL VAL A . n 
A 1 6  THR 6  94  94  THR THR A . n 
A 1 7  ILE 7  95  95  ILE ILE A . n 
A 1 8  PHE 8  96  96  PHE PHE A . n 
A 1 9  VAL 9  97  97  VAL VAL A . n 
A 1 10 ALA 10 98  98  ALA ALA A . n 
A 1 11 LEU 11 99  99  LEU LEU A . n 
A 1 12 TYR 12 100 100 TYR TYR A . n 
A 1 13 ASP 13 101 101 ASP ASP A . n 
A 1 14 TYR 14 102 102 TYR TYR A . n 
A 1 15 GLU 15 103 103 GLU GLU A . n 
A 1 16 ALA 16 104 104 ALA ALA A . n 
A 1 17 ARG 17 105 105 ARG ARG A . n 
A 1 18 THR 18 106 106 THR THR A . n 
A 1 19 THR 19 107 107 THR THR A . n 
A 1 20 GLU 20 108 108 GLU GLU A . n 
A 1 21 ASP 21 109 109 ASP ASP A . n 
A 1 22 LEU 22 110 110 LEU LEU A . n 
A 1 23 SER 23 111 111 SER SER A . n 
A 1 24 PHE 24 112 112 PHE PHE A . n 
A 1 25 LYS 25 113 113 LYS LYS A . n 
A 1 26 LYS 26 114 114 LYS LYS A . n 
A 1 27 GLY 27 115 115 GLY GLY A . n 
A 1 28 GLU 28 116 116 GLU GLU A . n 
A 1 29 ARG 29 117 117 ARG ARG A . n 
A 1 30 PHE 30 118 118 PHE PHE A . n 
A 1 31 GLN 31 119 119 GLN GLN A . n 
A 1 32 ILE 32 120 120 ILE ILE A . n 
A 1 33 ILE 33 121 121 ILE ILE A . n 
A 1 34 ASN 34 122 122 ASN ASN A . n 
A 1 35 ASN 35 123 123 ASN ASN A . n 
A 1 36 THR 36 124 124 THR THR A . n 
A 1 37 GLU 37 125 125 GLU GLU A . n 
A 1 38 GLY 38 126 126 GLY GLY A . n 
A 1 39 ASP 39 127 127 ASP ASP A . n 
A 1 40 TRP 40 128 128 TRP TRP A . n 
A 1 41 TRP 41 129 129 TRP TRP A . n 
A 1 42 GLU 42 130 130 GLU GLU A . n 
A 1 43 ALA 43 131 131 ALA ALA A . n 
A 1 44 ARG 44 132 132 ARG ARG A . n 
A 1 45 SER 45 133 133 SER SER A . n 
A 1 46 ILE 46 134 134 ILE ILE A . n 
A 1 47 ALA 47 135 135 ALA ALA A . n 
A 1 48 THR 48 136 136 THR THR A . n 
A 1 49 GLY 49 137 137 GLY GLY A . n 
A 1 50 LYS 50 138 138 LYS LYS A . n 
A 1 51 ASN 51 139 139 ASN ASN A . n 
A 1 52 GLY 52 140 140 GLY GLY A . n 
A 1 53 TYR 53 141 141 TYR TYR A . n 
A 1 54 ILE 54 142 142 ILE ILE A . n 
A 1 55 PRO 55 143 143 PRO PRO A . n 
A 1 56 SER 56 144 144 SER SER A . n 
A 1 57 ASN 57 145 145 ASN ASN A . n 
A 1 58 TYR 58 146 146 TYR TYR A . n 
A 1 59 VAL 59 147 147 VAL VAL A . n 
A 1 60 ALA 60 148 148 ALA ALA A . n 
A 1 61 PRO 61 149 149 PRO PRO A . n 
A 1 62 ALA 62 150 150 ALA ALA A . n 
A 1 63 ASP 63 151 ?   ?   ?   A . n 
A 1 64 SER 64 152 ?   ?   ?   A . n 
# 
loop_
_pdbx_nonpoly_scheme.asym_id 
_pdbx_nonpoly_scheme.entity_id 
_pdbx_nonpoly_scheme.mon_id 
_pdbx_nonpoly_scheme.ndb_seq_num 
_pdbx_nonpoly_scheme.pdb_seq_num 
_pdbx_nonpoly_scheme.auth_seq_num 
_pdbx_nonpoly_scheme.pdb_mon_id 
_pdbx_nonpoly_scheme.auth_mon_id 
_pdbx_nonpoly_scheme.pdb_strand_id 
_pdbx_nonpoly_scheme.pdb_ins_code 
B 2 SO4 1  51 51 SO4 SO4 A . 
C 3 HOH 1  1  1  HOH HOH A . 
C 3 HOH 2  2  2  HOH HOH A . 
C 3 HOH 3  3  3  HOH HOH A . 
C 3 HOH 4  4  4  HOH HOH A . 
C 3 HOH 5  5  5  HOH HOH A . 
C 3 HOH 6  6  6  HOH HOH A . 
C 3 HOH 7  7  7  HOH HOH A . 
C 3 HOH 8  8  8  HOH HOH A . 
C 3 HOH 9  9  9  HOH HOH A . 
C 3 HOH 10 10 10 HOH HOH A . 
C 3 HOH 11 11 11 HOH HOH A . 
C 3 HOH 12 12 12 HOH HOH A . 
C 3 HOH 13 13 13 HOH HOH A . 
C 3 HOH 14 14 14 HOH HOH A . 
C 3 HOH 15 15 15 HOH HOH A . 
C 3 HOH 16 16 16 HOH HOH A . 
C 3 HOH 17 17 17 HOH HOH A . 
C 3 HOH 18 18 18 HOH HOH A . 
C 3 HOH 19 19 19 HOH HOH A . 
C 3 HOH 20 20 20 HOH HOH A . 
C 3 HOH 21 21 21 HOH HOH A . 
C 3 HOH 22 22 22 HOH HOH A . 
C 3 HOH 23 23 23 HOH HOH A . 
C 3 HOH 24 24 24 HOH HOH A . 
C 3 HOH 25 25 25 HOH HOH A . 
C 3 HOH 26 26 26 HOH HOH A . 
C 3 HOH 27 27 27 HOH HOH A . 
C 3 HOH 28 28 28 HOH HOH A . 
C 3 HOH 29 29 29 HOH HOH A . 
C 3 HOH 30 30 30 HOH HOH A . 
C 3 HOH 31 31 31 HOH HOH A . 
C 3 HOH 32 32 32 HOH HOH A . 
C 3 HOH 33 33 33 HOH HOH A . 
C 3 HOH 34 34 34 HOH HOH A . 
C 3 HOH 35 35 35 HOH HOH A . 
C 3 HOH 36 36 36 HOH HOH A . 
C 3 HOH 37 37 37 HOH HOH A . 
C 3 HOH 38 38 38 HOH HOH A . 
C 3 HOH 39 39 39 HOH HOH A . 
C 3 HOH 40 40 40 HOH HOH A . 
C 3 HOH 41 41 41 HOH HOH A . 
# 
loop_
_pdbx_struct_assembly.id 
_pdbx_struct_assembly.details 
_pdbx_struct_assembly.method_details 
_pdbx_struct_assembly.oligomeric_details 
_pdbx_struct_assembly.oligomeric_count 
1 author_defined_assembly   ?    monomeric 1 
2 software_defined_assembly PISA hexameric 6 
3 software_defined_assembly PQS  trimeric  3 
# 
loop_
_pdbx_struct_assembly_gen.assembly_id 
_pdbx_struct_assembly_gen.oper_expression 
_pdbx_struct_assembly_gen.asym_id_list 
1 1           A,B,C 
2 1,2,3,4,5,6 A,B,C 
3 1,2,3       A,B,C 
# 
loop_
_pdbx_struct_assembly_prop.biol_id 
_pdbx_struct_assembly_prop.type 
_pdbx_struct_assembly_prop.value 
_pdbx_struct_assembly_prop.details 
2 'ABSA (A^2)' 8530  ? 
2 MORE         -162  ? 
2 'SSA (A^2)'  16400 ? 
# 
loop_
_pdbx_struct_oper_list.id 
_pdbx_struct_oper_list.type 
_pdbx_struct_oper_list.name 
_pdbx_struct_oper_list.symmetry_operation 
_pdbx_struct_oper_list.matrix[1][1] 
_pdbx_struct_oper_list.matrix[1][2] 
_pdbx_struct_oper_list.matrix[1][3] 
_pdbx_struct_oper_list.vector[1] 
_pdbx_struct_oper_list.matrix[2][1] 
_pdbx_struct_oper_list.matrix[2][2] 
_pdbx_struct_oper_list.matrix[2][3] 
_pdbx_struct_oper_list.vector[2] 
_pdbx_struct_oper_list.matrix[3][1] 
_pdbx_struct_oper_list.matrix[3][2] 
_pdbx_struct_oper_list.matrix[3][3] 
_pdbx_struct_oper_list.vector[3] 
1 'identity operation'         1_555 x,y,z      1.0000000000  0.0000000000  0.0000000000  0.0000000000   0.0000000000  1.0000000000  0.0000000000  0.0000000000   0.0000000000  0.0000000000  1.0000000000  0.0000000000   
2 'crystal symmetry operation' 2_555 -y,x-y,z   0.0962114849  -0.9185898386 0.3833223951  -16.0856618360 -0.4624652755 0.2997637066  0.8344265031  -7.6387756807  -0.8814018488 -0.2575547100 -0.3959751915 -17.3292481224 
3 'crystal symmetry operation' 3_555 -x+y,-x,z  0.0962114849  -0.4624652755 -0.8814018488 -17.2590744227 -0.9185898386 0.2997637066  -0.2575547100 -16.9495272721 0.3833223951  0.8344265031  -0.3959751915 5.6780389582   
4 'crystal symmetry operation' 7_555 y,x,-z     0.1026832966  0.6956469024  0.7110074035  10.7791858759  0.6956469024  -0.5611390739 0.4485513650  -17.5551243799 0.7110074035  0.4485513650  -0.5415442227 0.4587008208   
5 'crystal symmetry operation' 8_555 x-y,-y,-z  -0.9385164639 -0.0689174445 0.3382857266  -8.5076572615  -0.0689174445 -0.9227498212 -0.3791874910 -32.2317075965 0.3382857266  -0.3791874910 0.8612662851  -5.0201528885  
6 'crystal symmetry operation' 9_555 -x,-x+y,-z -0.3565898025 0.7543256563  -0.5512136764 1.2532088110   0.7543256563  -0.1156385181 -0.6462356671 -17.5034118789 -0.5512136764 -0.6462356671 -0.5277716794 -22.4902716590 
# 
loop_
_pdbx_struct_special_symmetry.id 
_pdbx_struct_special_symmetry.PDB_model_num 
_pdbx_struct_special_symmetry.auth_asym_id 
_pdbx_struct_special_symmetry.auth_comp_id 
_pdbx_struct_special_symmetry.auth_seq_id 
_pdbx_struct_special_symmetry.PDB_ins_code 
_pdbx_struct_special_symmetry.label_asym_id 
_pdbx_struct_special_symmetry.label_comp_id 
_pdbx_struct_special_symmetry.label_seq_id 
1 1 A SO4 51 ? B SO4 . 
2 1 A SO4 51 ? B SO4 . 
3 1 A HOH 34 ? C HOH . 
4 1 A HOH 38 ? C HOH . 
5 1 A HOH 39 ? C HOH . 
# 
loop_
_pdbx_audit_revision_history.ordinal 
_pdbx_audit_revision_history.data_content_type 
_pdbx_audit_revision_history.major_revision 
_pdbx_audit_revision_history.minor_revision 
_pdbx_audit_revision_history.revision_date 
1 'Structure model' 1 0 2007-04-17 
2 'Structure model' 1 1 2008-05-01 
3 'Structure model' 1 2 2011-07-13 
4 'Structure model' 1 3 2023-08-30 
# 
_pdbx_audit_revision_details.ordinal             1 
_pdbx_audit_revision_details.revision_ordinal    1 
_pdbx_audit_revision_details.data_content_type   'Structure model' 
_pdbx_audit_revision_details.provider            repository 
_pdbx_audit_revision_details.type                'Initial release' 
_pdbx_audit_revision_details.description         ? 
_pdbx_audit_revision_details.details             ? 
# 
loop_
_pdbx_audit_revision_group.ordinal 
_pdbx_audit_revision_group.revision_ordinal 
_pdbx_audit_revision_group.data_content_type 
_pdbx_audit_revision_group.group 
1 2 'Structure model' 'Version format compliance' 
2 3 'Structure model' 'Derived calculations'      
3 3 'Structure model' 'Version format compliance' 
4 4 'Structure model' 'Data collection'           
5 4 'Structure model' 'Database references'       
6 4 'Structure model' 'Derived calculations'      
7 4 'Structure model' 'Refinement description'    
# 
loop_
_pdbx_audit_revision_category.ordinal 
_pdbx_audit_revision_category.revision_ordinal 
_pdbx_audit_revision_category.data_content_type 
_pdbx_audit_revision_category.category 
1 4 'Structure model' chem_comp_atom                
2 4 'Structure model' chem_comp_bond                
3 4 'Structure model' database_2                    
4 4 'Structure model' pdbx_initial_refinement_model 
5 4 'Structure model' pdbx_struct_special_symmetry  
6 4 'Structure model' struct_ref_seq_dif            
7 4 'Structure model' struct_site                   
# 
loop_
_pdbx_audit_revision_item.ordinal 
_pdbx_audit_revision_item.revision_ordinal 
_pdbx_audit_revision_item.data_content_type 
_pdbx_audit_revision_item.item 
1 4 'Structure model' '_database_2.pdbx_DOI'                
2 4 'Structure model' '_database_2.pdbx_database_accession' 
3 4 'Structure model' '_struct_ref_seq_dif.details'         
4 4 'Structure model' '_struct_site.pdbx_auth_asym_id'      
5 4 'Structure model' '_struct_site.pdbx_auth_comp_id'      
6 4 'Structure model' '_struct_site.pdbx_auth_seq_id'       
# 
loop_
_software.name 
_software.classification 
_software.version 
_software.citation_id 
_software.pdbx_ordinal 
REFMAC refinement 5.2.0019 ? 1 
MOLREP phasing    .        ? 2 
# 
_pdbx_validate_symm_contact.id                1 
_pdbx_validate_symm_contact.PDB_model_num     1 
_pdbx_validate_symm_contact.auth_atom_id_1    OH 
_pdbx_validate_symm_contact.auth_asym_id_1    A 
_pdbx_validate_symm_contact.auth_comp_id_1    TYR 
_pdbx_validate_symm_contact.auth_seq_id_1     100 
_pdbx_validate_symm_contact.PDB_ins_code_1    ? 
_pdbx_validate_symm_contact.label_alt_id_1    ? 
_pdbx_validate_symm_contact.site_symmetry_1   1_555 
_pdbx_validate_symm_contact.auth_atom_id_2    OH 
_pdbx_validate_symm_contact.auth_asym_id_2    A 
_pdbx_validate_symm_contact.auth_comp_id_2    TYR 
_pdbx_validate_symm_contact.auth_seq_id_2     100 
_pdbx_validate_symm_contact.PDB_ins_code_2    ? 
_pdbx_validate_symm_contact.label_alt_id_2    ? 
_pdbx_validate_symm_contact.site_symmetry_2   9_555 
_pdbx_validate_symm_contact.dist              2.08 
# 
_pdbx_validate_torsion.id              1 
_pdbx_validate_torsion.PDB_model_num   1 
_pdbx_validate_torsion.auth_comp_id    GLU 
_pdbx_validate_torsion.auth_asym_id    A 
_pdbx_validate_torsion.auth_seq_id     125 
_pdbx_validate_torsion.PDB_ins_code    ? 
_pdbx_validate_torsion.label_alt_id    ? 
_pdbx_validate_torsion.phi             -128.87 
_pdbx_validate_torsion.psi             -157.09 
# 
_pdbx_validate_peptide_omega.id               1 
_pdbx_validate_peptide_omega.PDB_model_num    1 
_pdbx_validate_peptide_omega.auth_comp_id_1   ASN 
_pdbx_validate_peptide_omega.auth_asym_id_1   A 
_pdbx_validate_peptide_omega.auth_seq_id_1    123 
_pdbx_validate_peptide_omega.PDB_ins_code_1   ? 
_pdbx_validate_peptide_omega.label_alt_id_1   ? 
_pdbx_validate_peptide_omega.auth_comp_id_2   THR 
_pdbx_validate_peptide_omega.auth_asym_id_2   A 
_pdbx_validate_peptide_omega.auth_seq_id_2    124 
_pdbx_validate_peptide_omega.PDB_ins_code_2   ? 
_pdbx_validate_peptide_omega.label_alt_id_2   ? 
_pdbx_validate_peptide_omega.omega            -144.34 
# 
loop_
_pdbx_unobs_or_zero_occ_residues.id 
_pdbx_unobs_or_zero_occ_residues.PDB_model_num 
_pdbx_unobs_or_zero_occ_residues.polymer_flag 
_pdbx_unobs_or_zero_occ_residues.occupancy_flag 
_pdbx_unobs_or_zero_occ_residues.auth_asym_id 
_pdbx_unobs_or_zero_occ_residues.auth_comp_id 
_pdbx_unobs_or_zero_occ_residues.auth_seq_id 
_pdbx_unobs_or_zero_occ_residues.PDB_ins_code 
_pdbx_unobs_or_zero_occ_residues.label_asym_id 
_pdbx_unobs_or_zero_occ_residues.label_comp_id 
_pdbx_unobs_or_zero_occ_residues.label_seq_id 
1 1 Y 1 A MET 89  ? A MET 1  
2 1 Y 1 A GLY 90  ? A GLY 2  
3 1 Y 1 A GLY 91  ? A GLY 3  
4 1 Y 1 A ASP 151 ? A ASP 63 
5 1 Y 1 A SER 152 ? A SER 64 
# 
loop_
_chem_comp_atom.comp_id 
_chem_comp_atom.atom_id 
_chem_comp_atom.type_symbol 
_chem_comp_atom.pdbx_aromatic_flag 
_chem_comp_atom.pdbx_stereo_config 
_chem_comp_atom.pdbx_ordinal 
ALA N    N N N 1   
ALA CA   C N S 2   
ALA C    C N N 3   
ALA O    O N N 4   
ALA CB   C N N 5   
ALA OXT  O N N 6   
ALA H    H N N 7   
ALA H2   H N N 8   
ALA HA   H N N 9   
ALA HB1  H N N 10  
ALA HB2  H N N 11  
ALA HB3  H N N 12  
ALA HXT  H N N 13  
ARG N    N N N 14  
ARG CA   C N S 15  
ARG C    C N N 16  
ARG O    O N N 17  
ARG CB   C N N 18  
ARG CG   C N N 19  
ARG CD   C N N 20  
ARG NE   N N N 21  
ARG CZ   C N N 22  
ARG NH1  N N N 23  
ARG NH2  N N N 24  
ARG OXT  O N N 25  
ARG H    H N N 26  
ARG H2   H N N 27  
ARG HA   H N N 28  
ARG HB2  H N N 29  
ARG HB3  H N N 30  
ARG HG2  H N N 31  
ARG HG3  H N N 32  
ARG HD2  H N N 33  
ARG HD3  H N N 34  
ARG HE   H N N 35  
ARG HH11 H N N 36  
ARG HH12 H N N 37  
ARG HH21 H N N 38  
ARG HH22 H N N 39  
ARG HXT  H N N 40  
ASN N    N N N 41  
ASN CA   C N S 42  
ASN C    C N N 43  
ASN O    O N N 44  
ASN CB   C N N 45  
ASN CG   C N N 46  
ASN OD1  O N N 47  
ASN ND2  N N N 48  
ASN OXT  O N N 49  
ASN H    H N N 50  
ASN H2   H N N 51  
ASN HA   H N N 52  
ASN HB2  H N N 53  
ASN HB3  H N N 54  
ASN HD21 H N N 55  
ASN HD22 H N N 56  
ASN HXT  H N N 57  
ASP N    N N N 58  
ASP CA   C N S 59  
ASP C    C N N 60  
ASP O    O N N 61  
ASP CB   C N N 62  
ASP CG   C N N 63  
ASP OD1  O N N 64  
ASP OD2  O N N 65  
ASP OXT  O N N 66  
ASP H    H N N 67  
ASP H2   H N N 68  
ASP HA   H N N 69  
ASP HB2  H N N 70  
ASP HB3  H N N 71  
ASP HD2  H N N 72  
ASP HXT  H N N 73  
GLN N    N N N 74  
GLN CA   C N S 75  
GLN C    C N N 76  
GLN O    O N N 77  
GLN CB   C N N 78  
GLN CG   C N N 79  
GLN CD   C N N 80  
GLN OE1  O N N 81  
GLN NE2  N N N 82  
GLN OXT  O N N 83  
GLN H    H N N 84  
GLN H2   H N N 85  
GLN HA   H N N 86  
GLN HB2  H N N 87  
GLN HB3  H N N 88  
GLN HG2  H N N 89  
GLN HG3  H N N 90  
GLN HE21 H N N 91  
GLN HE22 H N N 92  
GLN HXT  H N N 93  
GLU N    N N N 94  
GLU CA   C N S 95  
GLU C    C N N 96  
GLU O    O N N 97  
GLU CB   C N N 98  
GLU CG   C N N 99  
GLU CD   C N N 100 
GLU OE1  O N N 101 
GLU OE2  O N N 102 
GLU OXT  O N N 103 
GLU H    H N N 104 
GLU H2   H N N 105 
GLU HA   H N N 106 
GLU HB2  H N N 107 
GLU HB3  H N N 108 
GLU HG2  H N N 109 
GLU HG3  H N N 110 
GLU HE2  H N N 111 
GLU HXT  H N N 112 
GLY N    N N N 113 
GLY CA   C N N 114 
GLY C    C N N 115 
GLY O    O N N 116 
GLY OXT  O N N 117 
GLY H    H N N 118 
GLY H2   H N N 119 
GLY HA2  H N N 120 
GLY HA3  H N N 121 
GLY HXT  H N N 122 
HOH O    O N N 123 
HOH H1   H N N 124 
HOH H2   H N N 125 
ILE N    N N N 126 
ILE CA   C N S 127 
ILE C    C N N 128 
ILE O    O N N 129 
ILE CB   C N S 130 
ILE CG1  C N N 131 
ILE CG2  C N N 132 
ILE CD1  C N N 133 
ILE OXT  O N N 134 
ILE H    H N N 135 
ILE H2   H N N 136 
ILE HA   H N N 137 
ILE HB   H N N 138 
ILE HG12 H N N 139 
ILE HG13 H N N 140 
ILE HG21 H N N 141 
ILE HG22 H N N 142 
ILE HG23 H N N 143 
ILE HD11 H N N 144 
ILE HD12 H N N 145 
ILE HD13 H N N 146 
ILE HXT  H N N 147 
LEU N    N N N 148 
LEU CA   C N S 149 
LEU C    C N N 150 
LEU O    O N N 151 
LEU CB   C N N 152 
LEU CG   C N N 153 
LEU CD1  C N N 154 
LEU CD2  C N N 155 
LEU OXT  O N N 156 
LEU H    H N N 157 
LEU H2   H N N 158 
LEU HA   H N N 159 
LEU HB2  H N N 160 
LEU HB3  H N N 161 
LEU HG   H N N 162 
LEU HD11 H N N 163 
LEU HD12 H N N 164 
LEU HD13 H N N 165 
LEU HD21 H N N 166 
LEU HD22 H N N 167 
LEU HD23 H N N 168 
LEU HXT  H N N 169 
LYS N    N N N 170 
LYS CA   C N S 171 
LYS C    C N N 172 
LYS O    O N N 173 
LYS CB   C N N 174 
LYS CG   C N N 175 
LYS CD   C N N 176 
LYS CE   C N N 177 
LYS NZ   N N N 178 
LYS OXT  O N N 179 
LYS H    H N N 180 
LYS H2   H N N 181 
LYS HA   H N N 182 
LYS HB2  H N N 183 
LYS HB3  H N N 184 
LYS HG2  H N N 185 
LYS HG3  H N N 186 
LYS HD2  H N N 187 
LYS HD3  H N N 188 
LYS HE2  H N N 189 
LYS HE3  H N N 190 
LYS HZ1  H N N 191 
LYS HZ2  H N N 192 
LYS HZ3  H N N 193 
LYS HXT  H N N 194 
MET N    N N N 195 
MET CA   C N S 196 
MET C    C N N 197 
MET O    O N N 198 
MET CB   C N N 199 
MET CG   C N N 200 
MET SD   S N N 201 
MET CE   C N N 202 
MET OXT  O N N 203 
MET H    H N N 204 
MET H2   H N N 205 
MET HA   H N N 206 
MET HB2  H N N 207 
MET HB3  H N N 208 
MET HG2  H N N 209 
MET HG3  H N N 210 
MET HE1  H N N 211 
MET HE2  H N N 212 
MET HE3  H N N 213 
MET HXT  H N N 214 
PHE N    N N N 215 
PHE CA   C N S 216 
PHE C    C N N 217 
PHE O    O N N 218 
PHE CB   C N N 219 
PHE CG   C Y N 220 
PHE CD1  C Y N 221 
PHE CD2  C Y N 222 
PHE CE1  C Y N 223 
PHE CE2  C Y N 224 
PHE CZ   C Y N 225 
PHE OXT  O N N 226 
PHE H    H N N 227 
PHE H2   H N N 228 
PHE HA   H N N 229 
PHE HB2  H N N 230 
PHE HB3  H N N 231 
PHE HD1  H N N 232 
PHE HD2  H N N 233 
PHE HE1  H N N 234 
PHE HE2  H N N 235 
PHE HZ   H N N 236 
PHE HXT  H N N 237 
PRO N    N N N 238 
PRO CA   C N S 239 
PRO C    C N N 240 
PRO O    O N N 241 
PRO CB   C N N 242 
PRO CG   C N N 243 
PRO CD   C N N 244 
PRO OXT  O N N 245 
PRO H    H N N 246 
PRO HA   H N N 247 
PRO HB2  H N N 248 
PRO HB3  H N N 249 
PRO HG2  H N N 250 
PRO HG3  H N N 251 
PRO HD2  H N N 252 
PRO HD3  H N N 253 
PRO HXT  H N N 254 
SER N    N N N 255 
SER CA   C N S 256 
SER C    C N N 257 
SER O    O N N 258 
SER CB   C N N 259 
SER OG   O N N 260 
SER OXT  O N N 261 
SER H    H N N 262 
SER H2   H N N 263 
SER HA   H N N 264 
SER HB2  H N N 265 
SER HB3  H N N 266 
SER HG   H N N 267 
SER HXT  H N N 268 
SO4 S    S N N 269 
SO4 O1   O N N 270 
SO4 O2   O N N 271 
SO4 O3   O N N 272 
SO4 O4   O N N 273 
THR N    N N N 274 
THR CA   C N S 275 
THR C    C N N 276 
THR O    O N N 277 
THR CB   C N R 278 
THR OG1  O N N 279 
THR CG2  C N N 280 
THR OXT  O N N 281 
THR H    H N N 282 
THR H2   H N N 283 
THR HA   H N N 284 
THR HB   H N N 285 
THR HG1  H N N 286 
THR HG21 H N N 287 
THR HG22 H N N 288 
THR HG23 H N N 289 
THR HXT  H N N 290 
TRP N    N N N 291 
TRP CA   C N S 292 
TRP C    C N N 293 
TRP O    O N N 294 
TRP CB   C N N 295 
TRP CG   C Y N 296 
TRP CD1  C Y N 297 
TRP CD2  C Y N 298 
TRP NE1  N Y N 299 
TRP CE2  C Y N 300 
TRP CE3  C Y N 301 
TRP CZ2  C Y N 302 
TRP CZ3  C Y N 303 
TRP CH2  C Y N 304 
TRP OXT  O N N 305 
TRP H    H N N 306 
TRP H2   H N N 307 
TRP HA   H N N 308 
TRP HB2  H N N 309 
TRP HB3  H N N 310 
TRP HD1  H N N 311 
TRP HE1  H N N 312 
TRP HE3  H N N 313 
TRP HZ2  H N N 314 
TRP HZ3  H N N 315 
TRP HH2  H N N 316 
TRP HXT  H N N 317 
TYR N    N N N 318 
TYR CA   C N S 319 
TYR C    C N N 320 
TYR O    O N N 321 
TYR CB   C N N 322 
TYR CG   C Y N 323 
TYR CD1  C Y N 324 
TYR CD2  C Y N 325 
TYR CE1  C Y N 326 
TYR CE2  C Y N 327 
TYR CZ   C Y N 328 
TYR OH   O N N 329 
TYR OXT  O N N 330 
TYR H    H N N 331 
TYR H2   H N N 332 
TYR HA   H N N 333 
TYR HB2  H N N 334 
TYR HB3  H N N 335 
TYR HD1  H N N 336 
TYR HD2  H N N 337 
TYR HE1  H N N 338 
TYR HE2  H N N 339 
TYR HH   H N N 340 
TYR HXT  H N N 341 
VAL N    N N N 342 
VAL CA   C N S 343 
VAL C    C N N 344 
VAL O    O N N 345 
VAL CB   C N N 346 
VAL CG1  C N N 347 
VAL CG2  C N N 348 
VAL OXT  O N N 349 
VAL H    H N N 350 
VAL H2   H N N 351 
VAL HA   H N N 352 
VAL HB   H N N 353 
VAL HG11 H N N 354 
VAL HG12 H N N 355 
VAL HG13 H N N 356 
VAL HG21 H N N 357 
VAL HG22 H N N 358 
VAL HG23 H N N 359 
VAL HXT  H N N 360 
# 
loop_
_chem_comp_bond.comp_id 
_chem_comp_bond.atom_id_1 
_chem_comp_bond.atom_id_2 
_chem_comp_bond.value_order 
_chem_comp_bond.pdbx_aromatic_flag 
_chem_comp_bond.pdbx_stereo_config 
_chem_comp_bond.pdbx_ordinal 
ALA N   CA   sing N N 1   
ALA N   H    sing N N 2   
ALA N   H2   sing N N 3   
ALA CA  C    sing N N 4   
ALA CA  CB   sing N N 5   
ALA CA  HA   sing N N 6   
ALA C   O    doub N N 7   
ALA C   OXT  sing N N 8   
ALA CB  HB1  sing N N 9   
ALA CB  HB2  sing N N 10  
ALA CB  HB3  sing N N 11  
ALA OXT HXT  sing N N 12  
ARG N   CA   sing N N 13  
ARG N   H    sing N N 14  
ARG N   H2   sing N N 15  
ARG CA  C    sing N N 16  
ARG CA  CB   sing N N 17  
ARG CA  HA   sing N N 18  
ARG C   O    doub N N 19  
ARG C   OXT  sing N N 20  
ARG CB  CG   sing N N 21  
ARG CB  HB2  sing N N 22  
ARG CB  HB3  sing N N 23  
ARG CG  CD   sing N N 24  
ARG CG  HG2  sing N N 25  
ARG CG  HG3  sing N N 26  
ARG CD  NE   sing N N 27  
ARG CD  HD2  sing N N 28  
ARG CD  HD3  sing N N 29  
ARG NE  CZ   sing N N 30  
ARG NE  HE   sing N N 31  
ARG CZ  NH1  sing N N 32  
ARG CZ  NH2  doub N N 33  
ARG NH1 HH11 sing N N 34  
ARG NH1 HH12 sing N N 35  
ARG NH2 HH21 sing N N 36  
ARG NH2 HH22 sing N N 37  
ARG OXT HXT  sing N N 38  
ASN N   CA   sing N N 39  
ASN N   H    sing N N 40  
ASN N   H2   sing N N 41  
ASN CA  C    sing N N 42  
ASN CA  CB   sing N N 43  
ASN CA  HA   sing N N 44  
ASN C   O    doub N N 45  
ASN C   OXT  sing N N 46  
ASN CB  CG   sing N N 47  
ASN CB  HB2  sing N N 48  
ASN CB  HB3  sing N N 49  
ASN CG  OD1  doub N N 50  
ASN CG  ND2  sing N N 51  
ASN ND2 HD21 sing N N 52  
ASN ND2 HD22 sing N N 53  
ASN OXT HXT  sing N N 54  
ASP N   CA   sing N N 55  
ASP N   H    sing N N 56  
ASP N   H2   sing N N 57  
ASP CA  C    sing N N 58  
ASP CA  CB   sing N N 59  
ASP CA  HA   sing N N 60  
ASP C   O    doub N N 61  
ASP C   OXT  sing N N 62  
ASP CB  CG   sing N N 63  
ASP CB  HB2  sing N N 64  
ASP CB  HB3  sing N N 65  
ASP CG  OD1  doub N N 66  
ASP CG  OD2  sing N N 67  
ASP OD2 HD2  sing N N 68  
ASP OXT HXT  sing N N 69  
GLN N   CA   sing N N 70  
GLN N   H    sing N N 71  
GLN N   H2   sing N N 72  
GLN CA  C    sing N N 73  
GLN CA  CB   sing N N 74  
GLN CA  HA   sing N N 75  
GLN C   O    doub N N 76  
GLN C   OXT  sing N N 77  
GLN CB  CG   sing N N 78  
GLN CB  HB2  sing N N 79  
GLN CB  HB3  sing N N 80  
GLN CG  CD   sing N N 81  
GLN CG  HG2  sing N N 82  
GLN CG  HG3  sing N N 83  
GLN CD  OE1  doub N N 84  
GLN CD  NE2  sing N N 85  
GLN NE2 HE21 sing N N 86  
GLN NE2 HE22 sing N N 87  
GLN OXT HXT  sing N N 88  
GLU N   CA   sing N N 89  
GLU N   H    sing N N 90  
GLU N   H2   sing N N 91  
GLU CA  C    sing N N 92  
GLU CA  CB   sing N N 93  
GLU CA  HA   sing N N 94  
GLU C   O    doub N N 95  
GLU C   OXT  sing N N 96  
GLU CB  CG   sing N N 97  
GLU CB  HB2  sing N N 98  
GLU CB  HB3  sing N N 99  
GLU CG  CD   sing N N 100 
GLU CG  HG2  sing N N 101 
GLU CG  HG3  sing N N 102 
GLU CD  OE1  doub N N 103 
GLU CD  OE2  sing N N 104 
GLU OE2 HE2  sing N N 105 
GLU OXT HXT  sing N N 106 
GLY N   CA   sing N N 107 
GLY N   H    sing N N 108 
GLY N   H2   sing N N 109 
GLY CA  C    sing N N 110 
GLY CA  HA2  sing N N 111 
GLY CA  HA3  sing N N 112 
GLY C   O    doub N N 113 
GLY C   OXT  sing N N 114 
GLY OXT HXT  sing N N 115 
HOH O   H1   sing N N 116 
HOH O   H2   sing N N 117 
ILE N   CA   sing N N 118 
ILE N   H    sing N N 119 
ILE N   H2   sing N N 120 
ILE CA  C    sing N N 121 
ILE CA  CB   sing N N 122 
ILE CA  HA   sing N N 123 
ILE C   O    doub N N 124 
ILE C   OXT  sing N N 125 
ILE CB  CG1  sing N N 126 
ILE CB  CG2  sing N N 127 
ILE CB  HB   sing N N 128 
ILE CG1 CD1  sing N N 129 
ILE CG1 HG12 sing N N 130 
ILE CG1 HG13 sing N N 131 
ILE CG2 HG21 sing N N 132 
ILE CG2 HG22 sing N N 133 
ILE CG2 HG23 sing N N 134 
ILE CD1 HD11 sing N N 135 
ILE CD1 HD12 sing N N 136 
ILE CD1 HD13 sing N N 137 
ILE OXT HXT  sing N N 138 
LEU N   CA   sing N N 139 
LEU N   H    sing N N 140 
LEU N   H2   sing N N 141 
LEU CA  C    sing N N 142 
LEU CA  CB   sing N N 143 
LEU CA  HA   sing N N 144 
LEU C   O    doub N N 145 
LEU C   OXT  sing N N 146 
LEU CB  CG   sing N N 147 
LEU CB  HB2  sing N N 148 
LEU CB  HB3  sing N N 149 
LEU CG  CD1  sing N N 150 
LEU CG  CD2  sing N N 151 
LEU CG  HG   sing N N 152 
LEU CD1 HD11 sing N N 153 
LEU CD1 HD12 sing N N 154 
LEU CD1 HD13 sing N N 155 
LEU CD2 HD21 sing N N 156 
LEU CD2 HD22 sing N N 157 
LEU CD2 HD23 sing N N 158 
LEU OXT HXT  sing N N 159 
LYS N   CA   sing N N 160 
LYS N   H    sing N N 161 
LYS N   H2   sing N N 162 
LYS CA  C    sing N N 163 
LYS CA  CB   sing N N 164 
LYS CA  HA   sing N N 165 
LYS C   O    doub N N 166 
LYS C   OXT  sing N N 167 
LYS CB  CG   sing N N 168 
LYS CB  HB2  sing N N 169 
LYS CB  HB3  sing N N 170 
LYS CG  CD   sing N N 171 
LYS CG  HG2  sing N N 172 
LYS CG  HG3  sing N N 173 
LYS CD  CE   sing N N 174 
LYS CD  HD2  sing N N 175 
LYS CD  HD3  sing N N 176 
LYS CE  NZ   sing N N 177 
LYS CE  HE2  sing N N 178 
LYS CE  HE3  sing N N 179 
LYS NZ  HZ1  sing N N 180 
LYS NZ  HZ2  sing N N 181 
LYS NZ  HZ3  sing N N 182 
LYS OXT HXT  sing N N 183 
MET N   CA   sing N N 184 
MET N   H    sing N N 185 
MET N   H2   sing N N 186 
MET CA  C    sing N N 187 
MET CA  CB   sing N N 188 
MET CA  HA   sing N N 189 
MET C   O    doub N N 190 
MET C   OXT  sing N N 191 
MET CB  CG   sing N N 192 
MET CB  HB2  sing N N 193 
MET CB  HB3  sing N N 194 
MET CG  SD   sing N N 195 
MET CG  HG2  sing N N 196 
MET CG  HG3  sing N N 197 
MET SD  CE   sing N N 198 
MET CE  HE1  sing N N 199 
MET CE  HE2  sing N N 200 
MET CE  HE3  sing N N 201 
MET OXT HXT  sing N N 202 
PHE N   CA   sing N N 203 
PHE N   H    sing N N 204 
PHE N   H2   sing N N 205 
PHE CA  C    sing N N 206 
PHE CA  CB   sing N N 207 
PHE CA  HA   sing N N 208 
PHE C   O    doub N N 209 
PHE C   OXT  sing N N 210 
PHE CB  CG   sing N N 211 
PHE CB  HB2  sing N N 212 
PHE CB  HB3  sing N N 213 
PHE CG  CD1  doub Y N 214 
PHE CG  CD2  sing Y N 215 
PHE CD1 CE1  sing Y N 216 
PHE CD1 HD1  sing N N 217 
PHE CD2 CE2  doub Y N 218 
PHE CD2 HD2  sing N N 219 
PHE CE1 CZ   doub Y N 220 
PHE CE1 HE1  sing N N 221 
PHE CE2 CZ   sing Y N 222 
PHE CE2 HE2  sing N N 223 
PHE CZ  HZ   sing N N 224 
PHE OXT HXT  sing N N 225 
PRO N   CA   sing N N 226 
PRO N   CD   sing N N 227 
PRO N   H    sing N N 228 
PRO CA  C    sing N N 229 
PRO CA  CB   sing N N 230 
PRO CA  HA   sing N N 231 
PRO C   O    doub N N 232 
PRO C   OXT  sing N N 233 
PRO CB  CG   sing N N 234 
PRO CB  HB2  sing N N 235 
PRO CB  HB3  sing N N 236 
PRO CG  CD   sing N N 237 
PRO CG  HG2  sing N N 238 
PRO CG  HG3  sing N N 239 
PRO CD  HD2  sing N N 240 
PRO CD  HD3  sing N N 241 
PRO OXT HXT  sing N N 242 
SER N   CA   sing N N 243 
SER N   H    sing N N 244 
SER N   H2   sing N N 245 
SER CA  C    sing N N 246 
SER CA  CB   sing N N 247 
SER CA  HA   sing N N 248 
SER C   O    doub N N 249 
SER C   OXT  sing N N 250 
SER CB  OG   sing N N 251 
SER CB  HB2  sing N N 252 
SER CB  HB3  sing N N 253 
SER OG  HG   sing N N 254 
SER OXT HXT  sing N N 255 
SO4 S   O1   doub N N 256 
SO4 S   O2   doub N N 257 
SO4 S   O3   sing N N 258 
SO4 S   O4   sing N N 259 
THR N   CA   sing N N 260 
THR N   H    sing N N 261 
THR N   H2   sing N N 262 
THR CA  C    sing N N 263 
THR CA  CB   sing N N 264 
THR CA  HA   sing N N 265 
THR C   O    doub N N 266 
THR C   OXT  sing N N 267 
THR CB  OG1  sing N N 268 
THR CB  CG2  sing N N 269 
THR CB  HB   sing N N 270 
THR OG1 HG1  sing N N 271 
THR CG2 HG21 sing N N 272 
THR CG2 HG22 sing N N 273 
THR CG2 HG23 sing N N 274 
THR OXT HXT  sing N N 275 
TRP N   CA   sing N N 276 
TRP N   H    sing N N 277 
TRP N   H2   sing N N 278 
TRP CA  C    sing N N 279 
TRP CA  CB   sing N N 280 
TRP CA  HA   sing N N 281 
TRP C   O    doub N N 282 
TRP C   OXT  sing N N 283 
TRP CB  CG   sing N N 284 
TRP CB  HB2  sing N N 285 
TRP CB  HB3  sing N N 286 
TRP CG  CD1  doub Y N 287 
TRP CG  CD2  sing Y N 288 
TRP CD1 NE1  sing Y N 289 
TRP CD1 HD1  sing N N 290 
TRP CD2 CE2  doub Y N 291 
TRP CD2 CE3  sing Y N 292 
TRP NE1 CE2  sing Y N 293 
TRP NE1 HE1  sing N N 294 
TRP CE2 CZ2  sing Y N 295 
TRP CE3 CZ3  doub Y N 296 
TRP CE3 HE3  sing N N 297 
TRP CZ2 CH2  doub Y N 298 
TRP CZ2 HZ2  sing N N 299 
TRP CZ3 CH2  sing Y N 300 
TRP CZ3 HZ3  sing N N 301 
TRP CH2 HH2  sing N N 302 
TRP OXT HXT  sing N N 303 
TYR N   CA   sing N N 304 
TYR N   H    sing N N 305 
TYR N   H2   sing N N 306 
TYR CA  C    sing N N 307 
TYR CA  CB   sing N N 308 
TYR CA  HA   sing N N 309 
TYR C   O    doub N N 310 
TYR C   OXT  sing N N 311 
TYR CB  CG   sing N N 312 
TYR CB  HB2  sing N N 313 
TYR CB  HB3  sing N N 314 
TYR CG  CD1  doub Y N 315 
TYR CG  CD2  sing Y N 316 
TYR CD1 CE1  sing Y N 317 
TYR CD1 HD1  sing N N 318 
TYR CD2 CE2  doub Y N 319 
TYR CD2 HD2  sing N N 320 
TYR CE1 CZ   doub Y N 321 
TYR CE1 HE1  sing N N 322 
TYR CE2 CZ   sing Y N 323 
TYR CE2 HE2  sing N N 324 
TYR CZ  OH   sing N N 325 
TYR OH  HH   sing N N 326 
TYR OXT HXT  sing N N 327 
VAL N   CA   sing N N 328 
VAL N   H    sing N N 329 
VAL N   H2   sing N N 330 
VAL CA  C    sing N N 331 
VAL CA  CB   sing N N 332 
VAL CA  HA   sing N N 333 
VAL C   O    doub N N 334 
VAL C   OXT  sing N N 335 
VAL CB  CG1  sing N N 336 
VAL CB  CG2  sing N N 337 
VAL CB  HB   sing N N 338 
VAL CG1 HG11 sing N N 339 
VAL CG1 HG12 sing N N 340 
VAL CG1 HG13 sing N N 341 
VAL CG2 HG21 sing N N 342 
VAL CG2 HG22 sing N N 343 
VAL CG2 HG23 sing N N 344 
VAL OXT HXT  sing N N 345 
# 
loop_
_pdbx_entity_nonpoly.entity_id 
_pdbx_entity_nonpoly.name 
_pdbx_entity_nonpoly.comp_id 
2 'SULFATE ION' SO4 
3 water         HOH 
# 
_pdbx_initial_refinement_model.id               1 
_pdbx_initial_refinement_model.entity_id_list   ? 
_pdbx_initial_refinement_model.type             'experimental model' 
_pdbx_initial_refinement_model.source_name      PDB 
_pdbx_initial_refinement_model.accession_code   1FYN 
_pdbx_initial_refinement_model.details          ? 
# 
